data_5SAF
#
_entry.id   5SAF
#
_cell.length_a   150.100
_cell.length_b   150.100
_cell.length_c   111.880
_cell.angle_alpha   90.000
_cell.angle_beta   90.000
_cell.angle_gamma   120.000
#
_symmetry.space_group_name_H-M   'P 63'
#
loop_
_entity.id
_entity.type
_entity.pdbx_description
1 polymer 'Uridylate-specific endoribonuclease'
2 non-polymer 'CITRIC ACID'
3 non-polymer 6,7-dihydro-5H-pyrrolo[2,3-d]pyrimidine
4 water water
#
_entity_poly.entity_id   1
_entity_poly.type   'polypeptide(L)'
_entity_poly.pdbx_seq_one_letter_code
;GAMSLENVAFNVVNKGHFDGQQGEVPVSIINNTVYTKVDGVDVELFENKTTLPVNVAFELWAKRNIKPVPEVKILNNLGV
DIAANTVIWDYKRDAPAHISTIGVCSMTDIAKKPTETICAPLTVFFDGRVDGQVDLFRNARNGVLITEGSVKGLQPSVGP
KQASLNGVTLIGEAVKTQFNYYKKVDGVVQQLPETYFTQSRNLQEFKPRSQMEIDFLELAMDEFIERYKLEGYAFEHIVY
GDFSHSQLGGLHLLIGLAKRFKESPFELEDFIPMDSTVKNYFITDAQTGSSKCVCSVIDLLLDDFVEIIKSQDLSVVSKV
VKVTIDYTEISFMLWCKDGHVETFYPKLQ
;
_entity_poly.pdbx_strand_id   A,B
#
loop_
_chem_comp.id
_chem_comp.type
_chem_comp.name
_chem_comp.formula
CIT non-polymer 'CITRIC ACID' 'C6 H8 O7'
WOY non-polymer 6,7-dihydro-5H-pyrrolo[2,3-d]pyrimidine 'C6 H7 N3'
#
# COMPACT_ATOMS: atom_id res chain seq x y z
N ALA A 2 17.34 17.53 -27.25
CA ALA A 2 17.58 18.77 -27.97
C ALA A 2 16.59 19.83 -27.46
N MET A 3 16.73 20.17 -26.18
CA MET A 3 15.88 21.14 -25.51
C MET A 3 16.18 22.58 -25.98
N SER A 4 15.12 23.35 -26.20
CA SER A 4 15.25 24.73 -26.65
C SER A 4 14.05 25.56 -26.25
N LEU A 5 14.22 26.88 -26.23
CA LEU A 5 13.16 27.81 -25.93
C LEU A 5 12.04 27.69 -27.00
N GLU A 6 12.43 27.63 -28.26
CA GLU A 6 11.51 27.54 -29.39
C GLU A 6 10.76 26.21 -29.42
N ASN A 7 11.38 25.13 -28.94
CA ASN A 7 10.71 23.85 -28.81
C ASN A 7 9.73 23.83 -27.64
N VAL A 8 10.08 24.46 -26.50
CA VAL A 8 9.17 24.54 -25.35
C VAL A 8 7.92 25.33 -25.78
N ALA A 9 8.12 26.46 -26.48
CA ALA A 9 7.06 27.33 -27.00
C ALA A 9 6.19 26.62 -28.02
N PHE A 10 6.79 25.80 -28.90
CA PHE A 10 6.05 25.01 -29.87
C PHE A 10 5.11 24.03 -29.13
N ASN A 11 5.63 23.40 -28.08
CA ASN A 11 4.85 22.47 -27.28
C ASN A 11 3.72 23.17 -26.58
N VAL A 12 3.95 24.38 -26.03
CA VAL A 12 2.91 25.14 -25.34
C VAL A 12 1.79 25.49 -26.32
N VAL A 13 2.15 26.04 -27.49
CA VAL A 13 1.21 26.45 -28.51
C VAL A 13 0.41 25.26 -29.05
N ASN A 14 1.06 24.14 -29.37
CA ASN A 14 0.38 23.00 -29.97
C ASN A 14 -0.22 21.97 -29.04
N LYS A 15 0.38 21.76 -27.86
CA LYS A 15 -0.04 20.73 -26.92
C LYS A 15 -0.60 21.25 -25.59
N GLY A 16 -0.60 22.57 -25.38
CA GLY A 16 -1.10 23.16 -24.14
C GLY A 16 -0.10 23.12 -22.98
N HIS A 17 1.05 22.48 -23.18
CA HIS A 17 2.13 22.30 -22.21
C HIS A 17 3.28 21.52 -22.88
N PHE A 18 4.39 21.29 -22.16
CA PHE A 18 5.48 20.50 -22.70
C PHE A 18 5.02 19.05 -22.81
N ASP A 19 5.13 18.49 -24.01
CA ASP A 19 4.71 17.13 -24.27
C ASP A 19 5.76 16.32 -25.07
N GLY A 20 7.02 16.78 -25.06
CA GLY A 20 8.13 16.13 -25.74
C GLY A 20 8.03 16.10 -27.26
N GLN A 21 7.13 16.91 -27.84
CA GLN A 21 6.95 16.97 -29.29
C GLN A 21 8.04 17.74 -29.97
N GLN A 22 8.32 17.39 -31.22
CA GLN A 22 9.35 18.05 -32.01
C GLN A 22 8.76 19.24 -32.73
N GLY A 23 9.50 20.32 -32.81
CA GLY A 23 9.03 21.51 -33.52
C GLY A 23 9.51 22.80 -32.88
N GLU A 24 9.45 23.90 -33.63
CA GLU A 24 9.89 25.21 -33.14
C GLU A 24 8.93 26.29 -33.59
N VAL A 25 8.64 27.27 -32.73
CA VAL A 25 7.86 28.46 -33.10
C VAL A 25 8.73 29.69 -32.80
N PRO A 26 8.57 30.79 -33.57
CA PRO A 26 9.38 31.99 -33.27
C PRO A 26 8.97 32.59 -31.93
N VAL A 27 9.95 32.92 -31.11
CA VAL A 27 9.70 33.48 -29.80
C VAL A 27 10.42 34.80 -29.61
N SER A 28 9.80 35.70 -28.87
CA SER A 28 10.48 36.92 -28.45
C SER A 28 10.32 37.11 -26.96
N ILE A 29 11.40 37.48 -26.32
CA ILE A 29 11.39 37.70 -24.89
C ILE A 29 11.56 39.18 -24.63
N ILE A 30 10.61 39.77 -23.89
CA ILE A 30 10.66 41.18 -23.55
C ILE A 30 10.10 41.35 -22.18
N ASN A 31 10.53 42.34 -21.36
N ASN A 31 11.15 41.72 -21.41
CA ASN A 31 9.87 42.66 -20.05
CA ASN A 31 11.34 41.95 -20.02
C ASN A 31 9.16 41.47 -19.27
C ASN A 31 11.11 40.62 -19.36
N ASN A 32 9.93 40.41 -18.87
CA ASN A 32 9.56 39.18 -18.19
C ASN A 32 8.44 38.42 -18.87
N THR A 33 8.27 38.61 -20.17
CA THR A 33 7.21 37.99 -20.91
C THR A 33 7.75 37.23 -22.11
N VAL A 34 7.15 36.07 -22.38
CA VAL A 34 7.48 35.29 -23.54
C VAL A 34 6.32 35.46 -24.50
N TYR A 35 6.64 35.87 -25.73
CA TYR A 35 5.68 36.04 -26.79
C TYR A 35 5.99 35.08 -27.94
N THR A 36 4.98 34.83 -28.76
CA THR A 36 5.13 34.07 -30.00
C THR A 36 4.40 34.81 -31.11
N LYS A 37 4.96 34.78 -32.31
CA LYS A 37 4.34 35.42 -33.45
C LYS A 37 3.18 34.60 -34.02
N VAL A 38 1.99 35.19 -34.14
CA VAL A 38 0.82 34.55 -34.73
C VAL A 38 0.17 35.53 -35.70
N ASP A 39 0.21 35.23 -37.01
CA ASP A 39 -0.36 36.11 -38.04
C ASP A 39 0.27 37.50 -37.99
N GLY A 40 1.60 37.53 -37.90
CA GLY A 40 2.35 38.78 -37.86
C GLY A 40 2.35 39.55 -36.56
N VAL A 41 1.56 39.16 -35.54
CA VAL A 41 1.55 39.89 -34.27
C VAL A 41 1.98 39.01 -33.09
N ASP A 42 2.54 39.64 -32.05
CA ASP A 42 3.02 38.91 -30.88
C ASP A 42 1.87 38.58 -29.95
N VAL A 43 1.81 37.34 -29.50
CA VAL A 43 0.80 36.83 -28.59
C VAL A 43 1.54 36.35 -27.36
N GLU A 44 1.10 36.81 -26.20
CA GLU A 44 1.72 36.44 -24.93
C GLU A 44 1.47 34.97 -24.56
N LEU A 45 2.56 34.23 -24.32
CA LEU A 45 2.47 32.85 -23.87
C LEU A 45 2.67 32.73 -22.37
N PHE A 46 3.51 33.62 -21.78
CA PHE A 46 3.85 33.48 -20.39
C PHE A 46 4.37 34.78 -19.79
N GLU A 47 3.90 35.09 -18.59
CA GLU A 47 4.40 36.22 -17.85
C GLU A 47 5.09 35.69 -16.61
N ASN A 48 6.39 35.91 -16.53
CA ASN A 48 7.20 35.47 -15.41
C ASN A 48 6.88 36.23 -14.14
N LYS A 49 6.33 35.51 -13.12
CA LYS A 49 6.09 36.05 -11.78
C LYS A 49 7.13 35.50 -10.76
N THR A 50 8.12 34.72 -11.23
CA THR A 50 9.13 34.06 -10.41
C THR A 50 10.39 34.95 -10.26
N THR A 51 11.30 34.54 -9.39
CA THR A 51 12.60 35.19 -9.25
C THR A 51 13.67 34.46 -10.15
N LEU A 52 13.25 33.56 -11.04
CA LEU A 52 14.14 32.85 -11.96
C LEU A 52 14.16 33.64 -13.28
N PRO A 53 15.18 33.46 -14.14
CA PRO A 53 15.14 34.13 -15.46
C PRO A 53 13.88 33.70 -16.25
N VAL A 54 13.28 34.62 -17.02
CA VAL A 54 12.03 34.46 -17.77
C VAL A 54 11.98 33.19 -18.61
N ASN A 55 13.06 32.88 -19.37
CA ASN A 55 13.07 31.70 -20.23
C ASN A 55 13.12 30.41 -19.42
N VAL A 56 13.83 30.44 -18.28
CA VAL A 56 13.92 29.32 -17.37
C VAL A 56 12.56 29.06 -16.69
N ALA A 57 11.90 30.12 -16.18
CA ALA A 57 10.59 29.94 -15.54
C ALA A 57 9.55 29.44 -16.56
N PHE A 58 9.66 29.88 -17.83
CA PHE A 58 8.77 29.46 -18.90
C PHE A 58 8.87 27.95 -19.10
N GLU A 59 10.09 27.42 -19.17
CA GLU A 59 10.30 25.99 -19.34
C GLU A 59 9.80 25.17 -18.14
N LEU A 60 10.01 25.64 -16.91
CA LEU A 60 9.54 24.91 -15.72
C LEU A 60 8.01 24.91 -15.66
N TRP A 61 7.37 25.99 -16.07
CA TRP A 61 5.92 26.07 -16.09
C TRP A 61 5.38 25.13 -17.19
N ALA A 62 5.95 25.17 -18.39
CA ALA A 62 5.57 24.25 -19.47
C ALA A 62 5.76 22.79 -19.04
N LYS A 63 6.81 22.51 -18.24
CA LYS A 63 7.11 21.18 -17.76
C LYS A 63 6.42 20.80 -16.45
N ARG A 64 5.42 21.57 -16.02
CA ARG A 64 4.67 21.33 -14.81
C ARG A 64 3.92 20.02 -14.88
N ASN A 65 3.73 19.42 -13.71
CA ASN A 65 3.01 18.18 -13.58
C ASN A 65 1.52 18.50 -13.80
N ILE A 66 0.92 17.85 -14.79
CA ILE A 66 -0.49 18.05 -15.12
C ILE A 66 -1.39 16.89 -14.63
N LYS A 67 -0.90 16.09 -13.68
CA LYS A 67 -1.69 15.06 -13.05
C LYS A 67 -2.07 15.60 -11.69
N PRO A 68 -3.11 15.06 -11.00
CA PRO A 68 -3.41 15.53 -9.63
C PRO A 68 -2.19 15.29 -8.75
N VAL A 69 -1.70 16.33 -8.09
CA VAL A 69 -0.53 16.22 -7.23
C VAL A 69 -0.85 16.71 -5.84
N PRO A 70 -0.06 16.31 -4.82
CA PRO A 70 -0.32 16.85 -3.46
C PRO A 70 -0.27 18.39 -3.45
N GLU A 71 -1.13 19.03 -2.62
CA GLU A 71 -1.10 20.47 -2.50
C GLU A 71 0.23 20.89 -1.88
N VAL A 72 0.82 22.00 -2.32
CA VAL A 72 2.13 22.47 -1.85
C VAL A 72 2.24 22.54 -0.32
N LYS A 73 1.15 22.91 0.39
CA LYS A 73 1.17 22.91 1.86
C LYS A 73 1.56 21.53 2.44
N ILE A 74 1.07 20.43 1.83
CA ILE A 74 1.40 19.05 2.26
C ILE A 74 2.87 18.73 2.00
N LEU A 75 3.37 19.05 0.80
CA LEU A 75 4.75 18.79 0.43
C LEU A 75 5.72 19.53 1.34
N ASN A 76 5.38 20.78 1.69
CA ASN A 76 6.16 21.63 2.57
C ASN A 76 6.14 21.07 3.98
N ASN A 77 4.94 20.71 4.49
CA ASN A 77 4.78 20.15 5.83
C ASN A 77 5.55 18.84 5.98
N LEU A 78 5.77 18.10 4.87
CA LEU A 78 6.55 16.85 4.82
C LEU A 78 8.04 17.07 4.53
N GLY A 79 8.49 18.32 4.45
CA GLY A 79 9.89 18.65 4.22
C GLY A 79 10.45 18.39 2.84
N VAL A 80 9.59 18.37 1.78
CA VAL A 80 10.01 18.14 0.40
C VAL A 80 10.86 19.30 -0.12
N ASP A 81 12.05 19.00 -0.62
CA ASP A 81 13.00 19.99 -1.13
C ASP A 81 12.96 20.09 -2.64
N ILE A 82 12.80 18.94 -3.32
CA ILE A 82 12.90 18.85 -4.76
C ILE A 82 12.05 17.69 -5.24
N ALA A 83 11.63 17.70 -6.50
CA ALA A 83 10.84 16.62 -7.07
C ALA A 83 11.69 15.82 -8.04
N ALA A 84 11.41 14.52 -8.15
CA ALA A 84 12.12 13.67 -9.08
C ALA A 84 11.49 13.70 -10.47
N ASN A 85 12.18 14.32 -11.43
CA ASN A 85 11.87 14.33 -12.86
C ASN A 85 10.50 14.89 -13.22
N THR A 86 10.07 15.92 -12.50
CA THR A 86 8.82 16.64 -12.69
C THR A 86 8.96 18.03 -12.03
N VAL A 87 7.99 18.93 -12.29
CA VAL A 87 7.94 20.22 -11.65
C VAL A 87 6.59 20.32 -10.98
N ILE A 88 6.59 20.56 -9.66
CA ILE A 88 5.35 20.82 -8.96
C ILE A 88 5.16 22.34 -9.05
N TRP A 89 4.20 22.78 -9.85
CA TRP A 89 3.94 24.20 -10.00
C TRP A 89 3.08 24.68 -8.84
N ASP A 90 3.50 25.78 -8.22
CA ASP A 90 2.81 26.39 -7.12
C ASP A 90 1.94 27.47 -7.72
N TYR A 91 0.65 27.20 -7.87
CA TYR A 91 -0.29 28.13 -8.46
C TYR A 91 -0.63 29.31 -7.55
N LYS A 92 -0.48 29.16 -6.22
CA LYS A 92 -0.71 30.26 -5.29
C LYS A 92 0.43 31.31 -5.39
N ARG A 93 1.65 30.87 -5.69
CA ARG A 93 2.77 31.79 -5.87
C ARG A 93 3.08 32.05 -7.35
N ASP A 94 2.46 31.32 -8.31
CA ASP A 94 2.78 31.41 -9.74
C ASP A 94 4.27 31.15 -9.97
N ALA A 95 4.77 30.13 -9.32
CA ALA A 95 6.20 29.81 -9.37
C ALA A 95 6.41 28.35 -9.10
N PRO A 96 7.61 27.81 -9.44
CA PRO A 96 7.89 26.41 -9.08
C PRO A 96 7.84 26.26 -7.55
N ALA A 97 7.30 25.14 -7.04
CA ALA A 97 7.24 24.93 -5.60
C ALA A 97 8.65 24.72 -5.00
N HIS A 98 9.63 24.30 -5.82
CA HIS A 98 10.99 23.98 -5.42
C HIS A 98 12.00 24.75 -6.26
N ILE A 99 13.12 25.10 -5.66
CA ILE A 99 14.18 25.89 -6.28
C ILE A 99 14.85 25.20 -7.44
N SER A 100 15.19 23.91 -7.25
CA SER A 100 15.92 23.13 -8.22
C SER A 100 15.09 21.99 -8.77
N THR A 101 15.60 21.39 -9.85
CA THR A 101 14.94 20.27 -10.48
C THR A 101 15.92 19.06 -10.62
N ILE A 102 15.36 17.90 -10.96
CA ILE A 102 16.11 16.69 -11.26
C ILE A 102 15.61 16.20 -12.60
N GLY A 103 16.48 16.17 -13.62
CA GLY A 103 16.14 15.72 -14.96
C GLY A 103 15.01 16.48 -15.65
N VAL A 104 14.92 17.78 -15.44
CA VAL A 104 13.87 18.61 -16.01
C VAL A 104 14.37 19.73 -16.94
N CYS A 105 15.27 20.59 -16.46
CA CYS A 105 15.69 21.77 -17.19
C CYS A 105 17.18 21.98 -16.95
N SER A 106 17.95 22.19 -18.01
CA SER A 106 19.41 22.30 -17.87
C SER A 106 19.89 23.44 -16.98
N MET A 107 19.10 24.52 -16.83
CA MET A 107 19.49 25.64 -15.99
C MET A 107 19.24 25.39 -14.48
N THR A 108 18.22 24.62 -14.13
CA THR A 108 17.85 24.41 -12.73
C THR A 108 18.21 23.02 -12.17
N ASP A 109 18.58 22.08 -13.05
CA ASP A 109 18.93 20.72 -12.65
C ASP A 109 20.13 20.68 -11.79
N ILE A 110 20.03 19.97 -10.68
CA ILE A 110 21.20 19.69 -9.84
C ILE A 110 21.76 18.28 -10.16
N ALA A 111 20.96 17.46 -10.88
CA ALA A 111 21.19 16.08 -11.26
C ALA A 111 20.17 15.72 -12.35
N LYS A 112 20.46 14.66 -13.13
CA LYS A 112 19.53 14.13 -14.13
C LYS A 112 18.66 13.01 -13.51
N LYS A 113 19.22 12.26 -12.54
CA LYS A 113 18.53 11.19 -11.84
C LYS A 113 18.60 11.39 -10.33
N PRO A 114 17.53 11.05 -9.57
CA PRO A 114 17.60 11.20 -8.11
C PRO A 114 18.62 10.30 -7.42
N THR A 115 19.21 9.35 -8.14
CA THR A 115 20.23 8.46 -7.59
C THR A 115 21.59 9.14 -7.47
N GLU A 116 21.79 10.33 -8.06
CA GLU A 116 23.04 11.06 -7.97
C GLU A 116 23.26 11.49 -6.52
N THR A 117 24.53 11.48 -6.07
CA THR A 117 24.85 11.73 -4.67
C THR A 117 24.41 13.12 -4.18
N ILE A 118 24.26 14.11 -5.07
CA ILE A 118 23.78 15.44 -4.67
C ILE A 118 22.35 15.39 -4.09
N CYS A 119 21.55 14.40 -4.49
CA CYS A 119 20.17 14.28 -4.03
C CYS A 119 20.02 13.56 -2.71
N ALA A 120 21.08 12.83 -2.26
CA ALA A 120 20.98 12.05 -1.03
C ALA A 120 20.56 12.88 0.19
N PRO A 121 21.14 14.07 0.47
CA PRO A 121 20.69 14.84 1.63
C PRO A 121 19.36 15.60 1.46
N LEU A 122 18.81 15.64 0.26
CA LEU A 122 17.55 16.33 -0.03
C LEU A 122 16.37 15.41 0.04
N THR A 123 15.24 15.88 0.56
CA THR A 123 14.02 15.07 0.58
C THR A 123 13.37 15.20 -0.79
N VAL A 124 13.57 14.16 -1.63
CA VAL A 124 13.06 14.11 -2.98
C VAL A 124 11.64 13.59 -3.01
N PHE A 125 10.78 14.23 -3.79
CA PHE A 125 9.40 13.79 -3.96
C PHE A 125 9.37 12.78 -5.10
N PHE A 126 8.76 11.62 -4.84
CA PHE A 126 8.60 10.52 -5.78
C PHE A 126 7.13 10.23 -5.95
N ASP A 127 6.76 9.93 -7.19
CA ASP A 127 5.41 9.65 -7.61
C ASP A 127 5.33 8.21 -8.09
N GLY A 128 4.70 7.38 -7.27
CA GLY A 128 4.52 5.97 -7.56
C GLY A 128 3.76 5.68 -8.81
N ARG A 129 3.04 6.69 -9.36
CA ARG A 129 2.32 6.54 -10.63
C ARG A 129 3.28 6.52 -11.85
N VAL A 130 4.52 6.98 -11.69
CA VAL A 130 5.52 6.99 -12.75
C VAL A 130 6.36 5.73 -12.54
N ASP A 131 6.64 5.00 -13.63
CA ASP A 131 7.45 3.80 -13.57
C ASP A 131 8.83 4.01 -12.92
N GLY A 132 9.21 3.11 -12.02
CA GLY A 132 10.50 3.13 -11.36
C GLY A 132 10.66 4.07 -10.17
N GLN A 133 9.63 4.90 -9.86
CA GLN A 133 9.79 5.87 -8.77
C GLN A 133 9.64 5.28 -7.39
N VAL A 134 8.86 4.21 -7.22
CA VAL A 134 8.80 3.53 -5.92
C VAL A 134 10.20 2.94 -5.60
N ASP A 135 10.87 2.37 -6.61
CA ASP A 135 12.23 1.83 -6.43
C ASP A 135 13.24 2.89 -6.14
N LEU A 136 13.08 4.05 -6.77
CA LEU A 136 13.97 5.16 -6.53
C LEU A 136 13.79 5.71 -5.10
N PHE A 137 12.56 5.65 -4.56
CA PHE A 137 12.31 6.07 -3.18
C PHE A 137 12.99 5.08 -2.22
N ARG A 138 12.87 3.77 -2.49
CA ARG A 138 13.52 2.72 -1.68
C ARG A 138 15.04 2.93 -1.65
N ASN A 139 15.65 3.39 -2.74
CA ASN A 139 17.09 3.63 -2.76
C ASN A 139 17.51 5.04 -2.26
N ALA A 140 16.56 6.01 -2.25
CA ALA A 140 16.81 7.39 -1.78
C ALA A 140 17.10 7.48 -0.30
N ARG A 141 18.07 8.31 0.09
CA ARG A 141 18.36 8.51 1.51
C ARG A 141 17.22 9.33 2.15
N ASN A 142 16.73 10.36 1.46
CA ASN A 142 15.62 11.15 1.92
C ASN A 142 14.57 11.26 0.81
N GLY A 143 13.31 11.18 1.19
CA GLY A 143 12.24 11.26 0.21
C GLY A 143 10.84 11.16 0.75
N VAL A 144 9.89 11.57 -0.07
CA VAL A 144 8.47 11.47 0.18
C VAL A 144 7.89 10.76 -1.03
N LEU A 145 7.10 9.72 -0.83
CA LEU A 145 6.52 8.98 -1.91
C LEU A 145 5.01 9.04 -1.84
N ILE A 146 4.35 9.19 -2.98
CA ILE A 146 2.91 9.05 -3.06
C ILE A 146 2.58 7.86 -3.95
N THR A 147 1.56 7.09 -3.58
CA THR A 147 1.10 6.00 -4.41
C THR A 147 -0.43 5.95 -4.47
N GLU A 148 -0.97 5.22 -5.46
CA GLU A 148 -2.40 5.00 -5.54
C GLU A 148 -2.84 3.71 -4.82
N GLY A 149 -1.89 2.79 -4.57
CA GLY A 149 -2.15 1.54 -3.87
C GLY A 149 -1.05 1.16 -2.90
N SER A 150 -1.02 -0.13 -2.48
CA SER A 150 -0.02 -0.57 -1.52
C SER A 150 1.35 -0.87 -2.12
N VAL A 151 2.40 -0.68 -1.32
CA VAL A 151 3.78 -0.98 -1.67
C VAL A 151 4.19 -2.05 -0.67
N LYS A 152 4.53 -3.27 -1.14
CA LYS A 152 4.87 -4.39 -0.28
C LYS A 152 5.88 -4.02 0.86
N GLY A 153 5.45 -4.25 2.09
CA GLY A 153 6.28 -3.93 3.24
C GLY A 153 6.21 -2.51 3.78
N LEU A 154 5.83 -1.51 2.96
CA LEU A 154 5.77 -0.11 3.43
C LEU A 154 4.44 0.25 4.07
N GLN A 155 4.47 0.71 5.31
CA GLN A 155 3.26 1.08 6.04
C GLN A 155 2.74 2.40 5.52
N PRO A 156 1.53 2.40 4.95
CA PRO A 156 1.02 3.63 4.35
C PRO A 156 0.43 4.62 5.35
N SER A 157 0.36 5.86 4.91
CA SER A 157 -0.34 6.93 5.60
C SER A 157 -1.38 7.40 4.58
N VAL A 158 -2.67 7.31 4.91
CA VAL A 158 -3.71 7.79 3.99
C VAL A 158 -3.72 9.31 4.02
N GLY A 159 -3.49 9.94 2.87
CA GLY A 159 -3.44 11.38 2.77
C GLY A 159 -4.81 12.01 2.67
N PRO A 160 -4.82 13.31 2.35
CA PRO A 160 -6.12 13.99 2.18
C PRO A 160 -6.86 13.46 0.96
N LYS A 161 -8.19 13.60 0.99
CA LYS A 161 -9.06 13.22 -0.12
C LYS A 161 -8.76 14.02 -1.39
N GLN A 162 -8.36 15.29 -1.20
CA GLN A 162 -8.15 16.24 -2.28
C GLN A 162 -6.70 16.38 -2.72
N ALA A 163 -6.54 16.72 -4.00
CA ALA A 163 -5.26 17.00 -4.60
C ALA A 163 -5.41 18.21 -5.55
N SER A 164 -4.30 18.76 -6.02
CA SER A 164 -4.31 19.87 -6.94
C SER A 164 -4.10 19.38 -8.38
N LEU A 165 -5.07 19.62 -9.27
CA LEU A 165 -4.95 19.29 -10.69
C LEU A 165 -4.92 20.60 -11.50
N ASN A 166 -3.74 21.01 -11.97
CA ASN A 166 -3.59 22.26 -12.72
C ASN A 166 -4.04 23.48 -11.93
N GLY A 167 -3.78 23.48 -10.63
CA GLY A 167 -4.16 24.55 -9.75
C GLY A 167 -5.57 24.48 -9.22
N VAL A 168 -6.34 23.46 -9.60
CA VAL A 168 -7.69 23.31 -9.10
C VAL A 168 -7.65 22.27 -8.00
N THR A 169 -7.95 22.65 -6.76
CA THR A 169 -7.98 21.70 -5.67
C THR A 169 -9.32 21.00 -5.75
N LEU A 170 -9.28 19.68 -5.84
CA LEU A 170 -10.50 18.91 -6.00
C LEU A 170 -10.38 17.51 -5.41
N ILE A 171 -11.53 16.90 -5.13
CA ILE A 171 -11.66 15.54 -4.70
C ILE A 171 -12.08 14.81 -5.96
N GLY A 172 -11.16 14.01 -6.50
CA GLY A 172 -11.33 13.32 -7.75
C GLY A 172 -12.45 12.32 -7.86
N GLU A 173 -13.16 12.36 -9.00
CA GLU A 173 -14.22 11.40 -9.34
C GLU A 173 -13.78 10.65 -10.60
N ALA A 174 -13.22 11.37 -11.58
CA ALA A 174 -12.70 10.76 -12.80
C ALA A 174 -11.21 10.36 -12.66
N VAL A 175 -10.51 10.88 -11.64
CA VAL A 175 -9.10 10.64 -11.31
C VAL A 175 -8.97 10.40 -9.82
N LYS A 176 -7.91 9.71 -9.41
CA LYS A 176 -7.63 9.46 -8.02
C LYS A 176 -6.85 10.65 -7.48
N THR A 177 -7.30 11.23 -6.36
CA THR A 177 -6.64 12.35 -5.68
C THR A 177 -6.18 11.97 -4.26
N GLN A 178 -6.72 10.88 -3.67
CA GLN A 178 -6.32 10.43 -2.34
C GLN A 178 -5.15 9.44 -2.46
N PHE A 179 -3.97 9.84 -2.00
CA PHE A 179 -2.76 9.03 -2.11
C PHE A 179 -2.35 8.43 -0.79
N ASN A 180 -1.49 7.43 -0.86
CA ASN A 180 -0.82 6.86 0.28
C ASN A 180 0.48 7.66 0.33
N TYR A 181 0.90 8.04 1.52
CA TYR A 181 2.11 8.85 1.68
C TYR A 181 3.12 8.07 2.45
N TYR A 182 4.38 8.23 2.07
CA TYR A 182 5.52 7.59 2.71
C TYR A 182 6.66 8.61 2.81
N LYS A 183 7.42 8.57 3.88
CA LYS A 183 8.54 9.49 4.07
C LYS A 183 9.74 8.71 4.60
N LYS A 184 10.95 9.10 4.18
CA LYS A 184 12.21 8.53 4.64
C LYS A 184 13.10 9.67 5.09
N VAL A 185 13.72 9.55 6.25
CA VAL A 185 14.69 10.54 6.74
C VAL A 185 15.95 9.73 7.05
N ASP A 186 17.10 10.14 6.49
CA ASP A 186 18.40 9.51 6.72
C ASP A 186 18.42 8.00 6.51
N GLY A 187 17.84 7.59 5.39
CA GLY A 187 17.76 6.20 4.95
C GLY A 187 16.71 5.39 5.65
N VAL A 188 16.04 5.96 6.65
CA VAL A 188 15.08 5.22 7.44
C VAL A 188 13.67 5.66 7.15
N VAL A 189 12.78 4.71 6.85
CA VAL A 189 11.37 5.03 6.64
C VAL A 189 10.78 5.53 7.94
N GLN A 190 10.15 6.69 7.89
CA GLN A 190 9.57 7.32 9.06
C GLN A 190 8.10 7.07 9.12
N GLN A 191 7.59 6.87 10.31
CA GLN A 191 6.19 6.69 10.56
C GLN A 191 5.56 8.08 10.54
N LEU A 192 4.60 8.28 9.64
CA LEU A 192 3.90 9.55 9.60
C LEU A 192 2.87 9.57 10.71
N PRO A 193 2.69 10.73 11.36
CA PRO A 193 1.77 10.77 12.51
C PRO A 193 0.30 10.74 12.10
N GLU A 194 -0.57 10.42 13.08
CA GLU A 194 -2.03 10.53 12.91
C GLU A 194 -2.30 12.03 12.74
N THR A 195 -3.12 12.38 11.75
CA THR A 195 -3.33 13.77 11.44
C THR A 195 -4.73 14.07 11.03
N TYR A 196 -5.13 15.30 11.28
CA TYR A 196 -6.35 15.86 10.71
C TYR A 196 -5.89 16.46 9.37
N PHE A 197 -6.82 16.76 8.48
CA PHE A 197 -6.50 17.42 7.21
C PHE A 197 -7.34 18.68 7.05
N THR A 198 -6.72 19.75 6.53
CA THR A 198 -7.46 20.96 6.20
C THR A 198 -8.29 20.63 4.94
N GLN A 199 -9.41 21.33 4.76
CA GLN A 199 -10.35 21.05 3.68
C GLN A 199 -10.07 21.79 2.36
N SER A 200 -9.18 22.79 2.38
CA SER A 200 -8.78 23.54 1.17
C SER A 200 -9.95 24.21 0.42
N ARG A 201 -10.96 24.69 1.15
CA ARG A 201 -12.09 25.38 0.56
C ARG A 201 -11.83 26.88 0.40
N ASN A 202 -12.66 27.53 -0.44
CA ASN A 202 -12.64 28.97 -0.74
C ASN A 202 -13.77 29.63 0.00
N LEU A 203 -13.59 30.90 0.31
CA LEU A 203 -14.62 31.68 0.95
C LEU A 203 -15.84 31.90 0.02
N GLN A 204 -15.56 32.20 -1.26
CA GLN A 204 -16.60 32.49 -2.24
C GLN A 204 -17.40 31.28 -2.70
N GLU A 205 -16.77 30.10 -2.77
CA GLU A 205 -17.46 28.89 -3.20
C GLU A 205 -17.48 27.84 -2.12
N PHE A 206 -17.69 28.26 -0.86
CA PHE A 206 -17.69 27.35 0.28
C PHE A 206 -18.89 26.41 0.32
N LYS A 207 -18.62 25.09 0.47
CA LYS A 207 -19.66 24.07 0.59
C LYS A 207 -19.49 23.26 1.87
N PRO A 208 -20.59 23.07 2.63
CA PRO A 208 -20.50 22.26 3.85
C PRO A 208 -20.25 20.77 3.54
N ARG A 209 -19.41 20.10 4.34
CA ARG A 209 -19.08 18.70 4.09
C ARG A 209 -19.50 17.76 5.25
N SER A 210 -20.53 18.17 6.00
CA SER A 210 -21.10 17.40 7.10
C SER A 210 -22.43 18.01 7.55
N GLN A 211 -23.24 17.23 8.28
CA GLN A 211 -24.52 17.75 8.78
C GLN A 211 -24.29 18.88 9.81
N MET A 212 -23.15 18.86 10.52
CA MET A 212 -22.84 19.93 11.47
C MET A 212 -22.53 21.23 10.72
N GLU A 213 -21.79 21.12 9.62
CA GLU A 213 -21.45 22.26 8.78
C GLU A 213 -22.67 22.85 8.10
N ILE A 214 -23.65 22.00 7.71
CA ILE A 214 -24.90 22.47 7.12
C ILE A 214 -25.69 23.24 8.18
N ASP A 215 -25.74 22.71 9.42
CA ASP A 215 -26.44 23.32 10.54
C ASP A 215 -25.78 24.63 10.97
N PHE A 216 -24.44 24.73 10.86
CA PHE A 216 -23.76 25.97 11.25
C PHE A 216 -24.13 27.10 10.31
N LEU A 217 -24.17 26.82 9.01
CA LEU A 217 -24.50 27.82 8.00
C LEU A 217 -25.99 28.13 7.95
N GLU A 218 -26.86 27.16 8.30
CA GLU A 218 -28.30 27.40 8.25
C GLU A 218 -28.88 27.97 9.56
N LEU A 219 -28.54 27.38 10.70
CA LEU A 219 -29.08 27.80 11.99
C LEU A 219 -28.51 29.13 12.47
N ALA A 220 -29.20 29.75 13.45
CA ALA A 220 -28.76 30.95 14.14
C ALA A 220 -27.66 30.53 15.14
N MET A 221 -26.80 31.47 15.54
CA MET A 221 -25.69 31.18 16.44
C MET A 221 -26.10 30.42 17.73
N ASP A 222 -27.07 30.94 18.47
CA ASP A 222 -27.47 30.37 19.75
C ASP A 222 -28.13 28.99 19.63
N GLU A 223 -28.88 28.73 18.55
CA GLU A 223 -29.50 27.42 18.40
C GLU A 223 -28.52 26.38 17.89
N PHE A 224 -27.46 26.78 17.15
CA PHE A 224 -26.44 25.81 16.72
C PHE A 224 -25.63 25.39 17.95
N ILE A 225 -25.20 26.35 18.77
CA ILE A 225 -24.43 26.08 19.98
C ILE A 225 -25.27 25.21 20.96
N GLU A 226 -26.59 25.42 20.99
CA GLU A 226 -27.50 24.65 21.82
C GLU A 226 -27.60 23.21 21.30
N ARG A 227 -27.85 23.05 19.98
CA ARG A 227 -27.98 21.74 19.33
C ARG A 227 -26.73 20.88 19.47
N TYR A 228 -25.54 21.50 19.37
CA TYR A 228 -24.29 20.75 19.43
C TYR A 228 -23.59 20.80 20.79
N LYS A 229 -24.30 21.28 21.84
CA LYS A 229 -23.81 21.33 23.21
C LYS A 229 -22.44 22.01 23.30
N LEU A 230 -22.31 23.18 22.66
CA LEU A 230 -21.07 23.91 22.66
C LEU A 230 -21.00 25.05 23.66
N GLU A 231 -21.89 25.07 24.67
CA GLU A 231 -21.89 26.11 25.69
C GLU A 231 -20.59 26.05 26.49
N GLY A 232 -19.94 27.19 26.68
CA GLY A 232 -18.67 27.24 27.39
C GLY A 232 -17.46 26.96 26.52
N TYR A 233 -17.63 26.91 25.18
CA TYR A 233 -16.52 26.65 24.27
C TYR A 233 -16.13 27.85 23.40
N ALA A 234 -16.67 29.04 23.70
CA ALA A 234 -16.40 30.31 23.03
C ALA A 234 -16.52 30.28 21.51
N PHE A 235 -17.50 29.54 20.97
CA PHE A 235 -17.71 29.52 19.53
C PHE A 235 -18.20 30.88 19.02
N GLU A 236 -18.91 31.66 19.87
CA GLU A 236 -19.37 33.01 19.58
C GLU A 236 -18.17 33.89 19.20
N HIS A 237 -17.06 33.74 19.93
CA HIS A 237 -15.83 34.48 19.67
C HIS A 237 -14.95 33.79 18.59
N ILE A 238 -14.52 32.54 18.81
CA ILE A 238 -13.64 31.77 17.93
C ILE A 238 -14.16 31.53 16.51
N VAL A 239 -15.41 31.07 16.38
CA VAL A 239 -15.93 30.66 15.08
C VAL A 239 -16.81 31.72 14.44
N TYR A 240 -17.78 32.26 15.17
CA TYR A 240 -18.70 33.26 14.63
C TYR A 240 -18.03 34.60 14.43
N GLY A 241 -17.17 34.98 15.37
CA GLY A 241 -16.49 36.27 15.29
C GLY A 241 -17.21 37.36 16.05
N ASP A 242 -16.44 38.26 16.61
CA ASP A 242 -16.94 39.38 17.37
C ASP A 242 -16.56 40.65 16.61
N PHE A 243 -17.56 41.33 16.05
CA PHE A 243 -17.32 42.54 15.28
C PHE A 243 -17.77 43.79 16.05
N SER A 244 -17.88 43.72 17.40
CA SER A 244 -18.39 44.85 18.18
C SER A 244 -17.31 45.86 18.59
N HIS A 245 -16.04 45.45 18.63
CA HIS A 245 -14.95 46.36 19.00
C HIS A 245 -14.04 46.69 17.81
N SER A 246 -13.15 47.69 17.95
CA SER A 246 -12.23 48.07 16.89
C SER A 246 -11.37 46.89 16.46
N GLN A 247 -10.90 46.08 17.42
CA GLN A 247 -10.19 44.86 17.09
C GLN A 247 -11.22 43.73 16.93
N LEU A 248 -11.25 43.11 15.73
CA LEU A 248 -12.11 41.97 15.39
C LEU A 248 -11.73 40.81 16.30
N GLY A 249 -12.72 40.25 16.96
CA GLY A 249 -12.55 39.15 17.89
C GLY A 249 -12.72 37.79 17.27
N GLY A 250 -11.75 36.92 17.52
CA GLY A 250 -11.75 35.55 17.00
C GLY A 250 -11.75 35.46 15.49
N LEU A 251 -12.69 34.67 14.96
CA LEU A 251 -12.87 34.43 13.53
C LEU A 251 -11.67 33.68 12.96
N HIS A 252 -11.43 32.47 13.48
CA HIS A 252 -10.28 31.67 13.08
C HIS A 252 -10.61 30.43 12.26
N LEU A 253 -11.88 30.14 12.02
CA LEU A 253 -12.29 28.97 11.25
C LEU A 253 -12.89 29.46 9.96
N LEU A 254 -12.44 28.92 8.81
CA LEU A 254 -12.94 29.37 7.51
C LEU A 254 -14.46 29.32 7.37
N ILE A 255 -15.13 28.31 7.94
CA ILE A 255 -16.59 28.22 7.86
C ILE A 255 -17.28 29.46 8.51
N GLY A 256 -16.68 30.02 9.56
CA GLY A 256 -17.19 31.22 10.21
C GLY A 256 -17.05 32.44 9.33
N LEU A 257 -15.96 32.51 8.57
CA LEU A 257 -15.75 33.57 7.61
C LEU A 257 -16.76 33.41 6.46
N ALA A 258 -17.03 32.17 6.02
CA ALA A 258 -17.98 31.91 4.94
C ALA A 258 -19.40 32.32 5.35
N LYS A 259 -19.80 32.05 6.61
CA LYS A 259 -21.12 32.42 7.08
C LYS A 259 -21.28 33.95 7.07
N ARG A 260 -20.24 34.67 7.55
CA ARG A 260 -20.19 36.13 7.62
C ARG A 260 -20.26 36.71 6.21
N PHE A 261 -19.49 36.15 5.28
CA PHE A 261 -19.39 36.55 3.88
C PHE A 261 -20.73 36.56 3.14
N LYS A 262 -21.66 35.67 3.54
CA LYS A 262 -22.99 35.59 2.96
C LYS A 262 -23.80 36.82 3.33
N GLU A 263 -23.63 37.34 4.56
CA GLU A 263 -24.36 38.51 5.03
C GLU A 263 -23.67 39.83 4.61
N SER A 264 -22.37 39.97 4.87
CA SER A 264 -21.67 41.19 4.51
C SER A 264 -20.22 40.94 4.10
N PRO A 265 -19.69 41.76 3.19
CA PRO A 265 -18.33 41.53 2.69
C PRO A 265 -17.25 42.00 3.65
N PHE A 266 -16.02 41.59 3.39
CA PHE A 266 -14.86 42.01 4.17
C PHE A 266 -13.58 41.82 3.35
N GLU A 267 -12.54 42.58 3.66
CA GLU A 267 -11.28 42.46 2.95
C GLU A 267 -10.36 41.54 3.71
N LEU A 268 -9.73 40.60 3.00
CA LEU A 268 -8.78 39.68 3.61
C LEU A 268 -7.47 39.94 2.93
N GLU A 269 -6.55 40.62 3.59
CA GLU A 269 -5.24 40.87 3.00
C GLU A 269 -4.30 39.70 3.26
N ASP A 270 -3.97 38.97 2.19
CA ASP A 270 -3.07 37.84 2.24
C ASP A 270 -1.63 38.38 2.16
N PHE A 271 -1.08 38.85 3.27
CA PHE A 271 0.25 39.50 3.26
C PHE A 271 1.45 38.52 3.09
N ILE A 272 1.25 37.21 3.21
CA ILE A 272 2.28 36.20 2.88
C ILE A 272 1.58 35.24 1.93
N PRO A 273 1.51 35.53 0.62
CA PRO A 273 0.73 34.69 -0.30
C PRO A 273 1.39 33.38 -0.74
N MET A 274 1.11 32.36 0.00
CA MET A 274 1.62 31.02 -0.24
C MET A 274 0.61 30.02 0.35
N ASP A 275 0.70 28.79 -0.07
CA ASP A 275 -0.17 27.75 0.43
C ASP A 275 0.35 27.35 1.83
N SER A 276 -0.50 27.37 2.84
CA SER A 276 -0.12 26.88 4.16
C SER A 276 -1.33 26.39 4.95
N THR A 277 -1.10 25.43 5.87
CA THR A 277 -2.11 24.81 6.74
C THR A 277 -2.89 25.87 7.48
N VAL A 278 -2.16 26.81 8.09
CA VAL A 278 -2.78 27.96 8.72
C VAL A 278 -2.44 29.22 7.87
N LYS A 279 -3.45 30.04 7.55
CA LYS A 279 -3.23 31.26 6.79
C LYS A 279 -3.37 32.50 7.70
N ASN A 280 -2.61 33.56 7.44
CA ASN A 280 -2.71 34.80 8.21
C ASN A 280 -3.23 35.91 7.32
N TYR A 281 -4.31 36.57 7.76
CA TYR A 281 -4.89 37.64 6.98
C TYR A 281 -5.06 38.90 7.76
N PHE A 282 -4.87 40.06 7.10
CA PHE A 282 -5.17 41.33 7.74
C PHE A 282 -6.62 41.53 7.32
N ILE A 283 -7.58 41.34 8.24
CA ILE A 283 -8.99 41.43 7.90
C ILE A 283 -9.62 42.77 8.31
N THR A 284 -10.52 43.30 7.47
CA THR A 284 -11.27 44.52 7.70
C THR A 284 -12.72 44.19 7.37
N ASP A 285 -13.59 44.19 8.37
CA ASP A 285 -15.00 43.91 8.15
C ASP A 285 -15.62 45.17 7.58
N ALA A 286 -16.21 45.09 6.38
CA ALA A 286 -16.77 46.29 5.73
C ALA A 286 -18.01 46.87 6.39
N GLN A 287 -18.83 46.03 7.04
CA GLN A 287 -20.05 46.50 7.68
C GLN A 287 -19.77 47.33 8.95
N THR A 288 -18.88 46.83 9.80
CA THR A 288 -18.63 47.45 11.09
C THR A 288 -17.35 48.27 11.19
N GLY A 289 -16.35 47.93 10.37
CA GLY A 289 -15.05 48.56 10.50
C GLY A 289 -14.18 47.88 11.55
N SER A 290 -14.64 46.73 12.06
CA SER A 290 -13.89 45.90 13.00
C SER A 290 -12.75 45.26 12.18
N SER A 291 -11.51 45.32 12.67
CA SER A 291 -10.38 44.81 11.92
C SER A 291 -9.30 44.13 12.80
N LYS A 292 -8.42 43.32 12.19
CA LYS A 292 -7.34 42.66 12.91
C LYS A 292 -6.14 42.47 11.96
N CYS A 293 -4.95 42.97 12.32
CA CYS A 293 -3.75 42.86 11.49
C CYS A 293 -3.36 41.45 11.14
N VAL A 294 -3.39 40.56 12.13
CA VAL A 294 -3.00 39.17 11.95
C VAL A 294 -4.11 38.29 12.46
N CYS A 295 -4.97 37.85 11.55
CA CYS A 295 -6.05 36.95 11.91
C CYS A 295 -5.76 35.60 11.31
N SER A 296 -5.34 34.65 12.15
CA SER A 296 -5.01 33.32 11.67
C SER A 296 -6.30 32.54 11.38
N VAL A 297 -6.37 31.94 10.21
CA VAL A 297 -7.54 31.20 9.76
C VAL A 297 -7.10 29.81 9.35
N ILE A 298 -7.92 28.84 9.73
CA ILE A 298 -7.70 27.46 9.35
C ILE A 298 -9.00 26.90 8.83
N ASP A 299 -8.92 26.08 7.77
CA ASP A 299 -10.12 25.46 7.23
C ASP A 299 -10.20 24.01 7.66
N LEU A 300 -10.65 23.78 8.88
CA LEU A 300 -10.87 22.41 9.35
C LEU A 300 -12.34 22.12 9.11
N LEU A 301 -12.73 20.86 8.98
CA LEU A 301 -14.15 20.46 8.94
C LEU A 301 -14.68 20.81 10.35
N LEU A 302 -15.83 21.49 10.46
CA LEU A 302 -16.30 21.95 11.78
C LEU A 302 -16.32 20.85 12.84
N ASP A 303 -16.66 19.61 12.44
CA ASP A 303 -16.67 18.45 13.34
C ASP A 303 -15.27 18.21 13.93
N ASP A 304 -14.24 18.31 13.09
CA ASP A 304 -12.86 18.09 13.52
C ASP A 304 -12.41 19.12 14.53
N PHE A 305 -12.82 20.39 14.33
CA PHE A 305 -12.51 21.49 15.24
C PHE A 305 -13.24 21.31 16.57
N VAL A 306 -14.54 20.97 16.52
CA VAL A 306 -15.37 20.68 17.69
C VAL A 306 -14.74 19.54 18.51
N GLU A 307 -14.24 18.51 17.82
CA GLU A 307 -13.58 17.36 18.43
C GLU A 307 -12.27 17.78 19.13
N ILE A 308 -11.46 18.62 18.49
CA ILE A 308 -10.20 19.15 19.06
C ILE A 308 -10.49 19.97 20.33
N ILE A 309 -11.41 20.96 20.27
CA ILE A 309 -11.67 21.83 21.41
C ILE A 309 -12.35 21.06 22.54
N LYS A 310 -13.32 20.17 22.24
CA LYS A 310 -13.97 19.37 23.29
C LYS A 310 -13.03 18.37 23.97
N SER A 311 -11.92 18.02 23.32
CA SER A 311 -10.92 17.12 23.90
C SER A 311 -9.97 17.81 24.89
N GLN A 312 -10.05 19.15 25.00
CA GLN A 312 -9.19 19.95 25.85
C GLN A 312 -9.56 20.02 27.30
N ASP A 313 -8.54 20.06 28.15
CA ASP A 313 -8.71 20.25 29.59
C ASP A 313 -8.90 21.77 29.76
N LEU A 314 -10.00 22.18 30.41
CA LEU A 314 -10.28 23.60 30.57
C LEU A 314 -9.95 24.16 31.95
N SER A 315 -9.04 23.49 32.69
CA SER A 315 -8.71 23.91 34.06
C SER A 315 -7.51 24.86 34.20
N VAL A 316 -6.80 25.22 33.10
CA VAL A 316 -5.64 26.11 33.24
C VAL A 316 -5.86 27.44 32.50
N VAL A 317 -5.24 28.51 33.01
CA VAL A 317 -5.40 29.83 32.43
C VAL A 317 -4.93 29.89 30.98
N SER A 318 -3.70 29.44 30.70
CA SER A 318 -3.19 29.46 29.34
C SER A 318 -2.24 28.33 29.05
N LYS A 319 -2.43 27.66 27.92
CA LYS A 319 -1.52 26.59 27.50
C LYS A 319 -1.40 26.46 26.00
N VAL A 320 -0.27 25.92 25.55
CA VAL A 320 -0.06 25.65 24.14
C VAL A 320 -0.63 24.25 23.90
N VAL A 321 -1.51 24.12 22.93
CA VAL A 321 -2.13 22.84 22.58
C VAL A 321 -1.62 22.51 21.20
N LYS A 322 -0.90 21.41 21.04
CA LYS A 322 -0.37 21.02 19.75
C LYS A 322 -1.28 20.00 19.07
N VAL A 323 -1.70 20.28 17.82
CA VAL A 323 -2.58 19.39 17.06
C VAL A 323 -1.93 19.07 15.73
N THR A 324 -1.87 17.77 15.34
CA THR A 324 -1.29 17.42 14.04
C THR A 324 -2.32 17.65 12.94
N ILE A 325 -2.01 18.57 12.01
CA ILE A 325 -2.89 18.95 10.90
C ILE A 325 -2.03 19.02 9.63
N ASP A 326 -2.39 18.25 8.60
CA ASP A 326 -1.65 18.18 7.34
C ASP A 326 -0.23 17.69 7.56
N TYR A 327 -0.06 16.72 8.48
CA TYR A 327 1.22 16.12 8.90
C TYR A 327 2.11 17.05 9.72
N THR A 328 1.70 18.30 9.95
CA THR A 328 2.52 19.23 10.72
C THR A 328 1.94 19.51 12.10
N GLU A 329 2.80 19.91 13.02
CA GLU A 329 2.39 20.26 14.38
C GLU A 329 1.90 21.71 14.41
N ILE A 330 0.59 21.92 14.60
CA ILE A 330 0.05 23.26 14.69
C ILE A 330 -0.17 23.60 16.16
N SER A 331 0.53 24.64 16.66
CA SER A 331 0.37 25.08 18.04
C SER A 331 -0.82 26.00 18.09
N PHE A 332 -1.71 25.74 19.03
CA PHE A 332 -2.87 26.55 19.31
C PHE A 332 -2.67 27.14 20.69
N MET A 333 -3.28 28.29 20.91
CA MET A 333 -3.23 28.94 22.20
C MET A 333 -4.61 28.74 22.84
N LEU A 334 -4.66 28.16 24.03
CA LEU A 334 -5.93 27.93 24.72
C LEU A 334 -6.02 28.77 26.00
N TRP A 335 -7.01 29.65 26.06
CA TRP A 335 -7.23 30.53 27.20
C TRP A 335 -8.53 30.20 27.89
N CYS A 336 -8.48 29.81 29.15
CA CYS A 336 -9.68 29.44 29.91
C CYS A 336 -9.87 30.31 31.14
N LYS A 337 -11.07 30.23 31.74
CA LYS A 337 -11.47 30.93 32.96
C LYS A 337 -12.71 30.20 33.49
N ASP A 338 -12.69 29.81 34.78
CA ASP A 338 -13.79 29.13 35.47
C ASP A 338 -14.35 27.90 34.75
N GLY A 339 -13.47 27.12 34.13
CA GLY A 339 -13.85 25.91 33.41
C GLY A 339 -14.47 26.11 32.03
N HIS A 340 -14.40 27.34 31.53
CA HIS A 340 -14.92 27.64 30.20
C HIS A 340 -13.84 28.24 29.32
N VAL A 341 -13.95 28.02 28.00
CA VAL A 341 -13.02 28.57 27.03
C VAL A 341 -13.29 30.06 26.85
N GLU A 342 -12.23 30.84 26.78
CA GLU A 342 -12.30 32.26 26.50
C GLU A 342 -11.90 32.45 25.02
N THR A 343 -10.77 31.83 24.62
CA THR A 343 -10.28 31.85 23.24
C THR A 343 -9.42 30.61 22.96
N PHE A 344 -9.35 30.22 21.68
CA PHE A 344 -8.59 29.08 21.20
C PHE A 344 -8.25 29.44 19.78
N TYR A 345 -6.96 29.63 19.50
CA TYR A 345 -6.56 30.10 18.18
C TYR A 345 -5.23 29.55 17.72
N PRO A 346 -4.99 29.40 16.40
CA PRO A 346 -3.67 28.95 15.94
C PRO A 346 -2.62 29.99 16.34
N LYS A 347 -1.77 29.64 17.33
CA LYS A 347 -0.73 30.51 17.91
C LYS A 347 0.15 31.20 16.87
N LEU A 348 0.11 32.55 16.90
CA LEU A 348 0.90 33.39 16.00
C LEU A 348 2.36 33.30 16.45
N GLN A 349 3.21 32.63 15.63
CA GLN A 349 4.63 32.38 15.94
C GLN A 349 5.49 33.65 15.89
N ALA B 2 -19.78 -43.36 -17.32
CA ALA B 2 -20.08 -44.56 -16.54
C ALA B 2 -19.01 -44.71 -15.46
N MET B 3 -19.02 -43.75 -14.54
CA MET B 3 -18.09 -43.69 -13.42
C MET B 3 -18.34 -44.77 -12.37
N SER B 4 -17.27 -45.42 -11.92
CA SER B 4 -17.38 -46.48 -10.92
C SER B 4 -16.12 -46.62 -10.11
N LEU B 5 -16.23 -47.23 -8.94
CA LEU B 5 -15.11 -47.50 -8.07
C LEU B 5 -14.09 -48.41 -8.78
N GLU B 6 -14.59 -49.47 -9.42
CA GLU B 6 -13.79 -50.45 -10.14
C GLU B 6 -13.08 -49.85 -11.35
N ASN B 7 -13.70 -48.88 -12.01
CA ASN B 7 -13.07 -48.18 -13.11
C ASN B 7 -12.00 -47.18 -12.63
N VAL B 8 -12.24 -46.50 -11.52
CA VAL B 8 -11.25 -45.57 -10.95
C VAL B 8 -9.99 -46.39 -10.55
N ALA B 9 -10.21 -47.55 -9.89
CA ALA B 9 -9.16 -48.48 -9.48
C ALA B 9 -8.39 -49.05 -10.67
N PHE B 10 -9.09 -49.37 -11.76
CA PHE B 10 -8.47 -49.87 -12.98
C PHE B 10 -7.52 -48.80 -13.54
N ASN B 11 -7.98 -47.55 -13.54
CA ASN B 11 -7.18 -46.43 -14.02
C ASN B 11 -5.96 -46.22 -13.14
N VAL B 12 -6.10 -46.33 -11.82
CA VAL B 12 -4.97 -46.15 -10.90
C VAL B 12 -3.93 -47.23 -11.15
N VAL B 13 -4.36 -48.49 -11.23
CA VAL B 13 -3.48 -49.63 -11.42
C VAL B 13 -2.77 -49.55 -12.78
N ASN B 14 -3.50 -49.24 -13.86
CA ASN B 14 -2.92 -49.25 -15.20
C ASN B 14 -2.29 -47.96 -15.69
N LYS B 15 -2.80 -46.81 -15.24
CA LYS B 15 -2.35 -45.51 -15.73
C LYS B 15 -1.67 -44.63 -14.68
N GLY B 16 -1.60 -45.09 -13.43
CA GLY B 16 -0.97 -44.32 -12.35
C GLY B 16 -1.86 -43.25 -11.74
N HIS B 17 -3.06 -43.06 -12.30
CA HIS B 17 -4.05 -42.07 -11.89
C HIS B 17 -5.29 -42.22 -12.81
N PHE B 18 -6.38 -41.46 -12.55
CA PHE B 18 -7.55 -41.52 -13.41
C PHE B 18 -7.19 -40.87 -14.73
N ASP B 19 -7.38 -41.62 -15.82
CA ASP B 19 -7.03 -41.19 -17.18
C ASP B 19 -8.19 -41.43 -18.19
N GLY B 20 -9.42 -41.60 -17.69
CA GLY B 20 -10.60 -41.82 -18.52
C GLY B 20 -10.62 -43.14 -19.28
N GLN B 21 -9.74 -44.08 -18.92
CA GLN B 21 -9.66 -45.37 -19.59
C GLN B 21 -10.76 -46.30 -19.18
N GLN B 22 -11.17 -47.19 -20.08
CA GLN B 22 -12.21 -48.16 -19.80
C GLN B 22 -11.60 -49.39 -19.17
N GLY B 23 -12.32 -49.97 -18.22
CA GLY B 23 -11.86 -51.18 -17.57
C GLY B 23 -12.23 -51.25 -16.11
N GLU B 24 -12.18 -52.44 -15.52
CA GLU B 24 -12.54 -52.63 -14.13
C GLU B 24 -11.58 -53.61 -13.49
N VAL B 25 -11.18 -53.35 -12.23
CA VAL B 25 -10.40 -54.30 -11.44
C VAL B 25 -11.20 -54.61 -10.17
N PRO B 26 -11.09 -55.82 -9.61
CA PRO B 26 -11.83 -56.12 -8.37
C PRO B 26 -11.29 -55.29 -7.22
N VAL B 27 -12.19 -54.69 -6.44
CA VAL B 27 -11.80 -53.83 -5.32
C VAL B 27 -12.43 -54.29 -4.04
N SER B 28 -11.72 -54.13 -2.93
CA SER B 28 -12.30 -54.33 -1.61
C SER B 28 -11.99 -53.12 -0.73
N ILE B 29 -13.00 -52.69 0.00
CA ILE B 29 -12.86 -51.57 0.90
C ILE B 29 -12.92 -52.06 2.33
N ILE B 30 -11.88 -51.78 3.11
CA ILE B 30 -11.81 -52.19 4.52
C ILE B 30 -11.12 -51.10 5.30
N ASN B 31 -11.43 -50.85 6.59
N ASN B 31 -12.08 -50.57 6.08
CA ASN B 31 -10.65 -49.89 7.44
CA ASN B 31 -12.15 -49.44 6.97
C ASN B 31 -9.94 -48.66 6.72
C ASN B 31 -11.95 -48.24 6.10
N ASN B 32 -10.74 -47.77 6.05
CA ASN B 32 -10.39 -46.59 5.28
C ASN B 32 -9.38 -46.85 4.18
N THR B 33 -9.30 -48.09 3.71
CA THR B 33 -8.32 -48.48 2.71
C THR B 33 -8.99 -49.14 1.53
N VAL B 34 -8.49 -48.82 0.34
CA VAL B 34 -8.95 -49.42 -0.88
C VAL B 34 -7.88 -50.40 -1.31
N TYR B 35 -8.28 -51.65 -1.52
CA TYR B 35 -7.41 -52.71 -1.98
C TYR B 35 -7.87 -53.20 -3.35
N THR B 36 -6.95 -53.83 -4.08
CA THR B 36 -7.25 -54.51 -5.33
C THR B 36 -6.60 -55.88 -5.31
N LYS B 37 -7.27 -56.87 -5.89
CA LYS B 37 -6.76 -58.21 -5.95
C LYS B 37 -5.74 -58.35 -7.08
N VAL B 38 -4.54 -58.84 -6.77
CA VAL B 38 -3.50 -59.11 -7.76
C VAL B 38 -2.94 -60.52 -7.50
N ASP B 39 -3.26 -61.47 -8.40
CA ASP B 39 -2.83 -62.86 -8.28
C ASP B 39 -3.25 -63.47 -6.94
N GLY B 40 -4.52 -63.32 -6.65
CA GLY B 40 -5.11 -63.87 -5.45
C GLY B 40 -4.90 -63.12 -4.15
N VAL B 41 -4.01 -62.10 -4.10
CA VAL B 41 -3.79 -61.36 -2.86
C VAL B 41 -4.16 -59.89 -2.97
N ASP B 42 -4.57 -59.28 -1.83
CA ASP B 42 -4.96 -57.87 -1.82
C ASP B 42 -3.77 -56.96 -1.75
N VAL B 43 -3.76 -55.93 -2.59
CA VAL B 43 -2.69 -54.95 -2.67
C VAL B 43 -3.32 -53.60 -2.36
N GLU B 44 -2.75 -52.86 -1.43
CA GLU B 44 -3.28 -51.54 -1.06
C GLU B 44 -3.07 -50.49 -2.16
N LEU B 45 -4.17 -49.83 -2.57
CA LEU B 45 -4.11 -48.75 -3.56
C LEU B 45 -4.18 -47.39 -2.91
N PHE B 46 -4.92 -47.28 -1.78
CA PHE B 46 -5.15 -45.98 -1.19
C PHE B 46 -5.57 -46.06 0.25
N GLU B 47 -4.98 -45.20 1.09
CA GLU B 47 -5.37 -45.08 2.47
C GLU B 47 -5.99 -43.71 2.67
N ASN B 48 -7.26 -43.68 3.00
CA ASN B 48 -7.98 -42.45 3.24
C ASN B 48 -7.54 -41.72 4.50
N LYS B 49 -6.94 -40.53 4.35
CA LYS B 49 -6.57 -39.64 5.46
C LYS B 49 -7.55 -38.44 5.58
N THR B 50 -8.59 -38.37 4.73
CA THR B 50 -9.56 -37.31 4.64
C THR B 50 -10.76 -37.55 5.59
N THR B 51 -11.62 -36.53 5.72
CA THR B 51 -12.86 -36.65 6.45
C THR B 51 -14.03 -37.02 5.48
N LEU B 52 -13.73 -37.36 4.20
CA LEU B 52 -14.73 -37.77 3.21
C LEU B 52 -14.83 -39.30 3.27
N PRO B 53 -15.93 -39.91 2.76
CA PRO B 53 -15.96 -41.38 2.67
C PRO B 53 -14.80 -41.92 1.82
N VAL B 54 -14.22 -43.07 2.21
CA VAL B 54 -13.04 -43.72 1.61
C VAL B 54 -13.12 -43.82 0.08
N ASN B 55 -14.28 -44.25 -0.48
CA ASN B 55 -14.40 -44.41 -1.92
C ASN B 55 -14.43 -43.09 -2.65
N VAL B 56 -15.04 -42.07 -2.02
CA VAL B 56 -15.10 -40.71 -2.53
C VAL B 56 -13.71 -40.07 -2.52
N ALA B 57 -12.97 -40.19 -1.41
CA ALA B 57 -11.60 -39.63 -1.35
C ALA B 57 -10.69 -40.31 -2.37
N PHE B 58 -10.88 -41.63 -2.59
CA PHE B 58 -10.11 -42.41 -3.55
C PHE B 58 -10.28 -41.82 -4.96
N GLU B 59 -11.52 -41.56 -5.36
CA GLU B 59 -11.81 -41.01 -6.67
C GLU B 59 -11.24 -39.58 -6.85
N LEU B 60 -11.34 -38.71 -5.83
CA LEU B 60 -10.80 -37.36 -5.91
C LEU B 60 -9.28 -37.38 -6.01
N TRP B 61 -8.63 -38.29 -5.30
CA TRP B 61 -7.18 -38.44 -5.34
C TRP B 61 -6.76 -38.94 -6.73
N ALA B 62 -7.43 -40.00 -7.25
CA ALA B 62 -7.17 -40.49 -8.59
C ALA B 62 -7.37 -39.37 -9.64
N LYS B 63 -8.37 -38.48 -9.44
CA LYS B 63 -8.67 -37.40 -10.36
C LYS B 63 -7.91 -36.09 -10.07
N ARG B 64 -6.85 -36.15 -9.27
CA ARG B 64 -6.02 -35.02 -8.94
C ARG B 64 -5.32 -34.46 -10.18
N ASN B 65 -5.04 -33.16 -10.14
CA ASN B 65 -4.34 -32.48 -11.20
C ASN B 65 -2.88 -32.91 -11.12
N ILE B 66 -2.37 -33.47 -12.21
CA ILE B 66 -0.98 -33.94 -12.30
C ILE B 66 -0.09 -32.99 -13.11
N LYS B 67 -0.51 -31.75 -13.30
CA LYS B 67 0.30 -30.73 -13.95
C LYS B 67 0.81 -29.85 -12.83
N PRO B 68 1.88 -29.04 -13.04
CA PRO B 68 2.28 -28.09 -11.98
C PRO B 68 1.13 -27.14 -11.67
N VAL B 69 0.71 -27.06 -10.42
CA VAL B 69 -0.39 -26.18 -10.04
C VAL B 69 0.03 -25.23 -8.95
N PRO B 70 -0.67 -24.10 -8.74
CA PRO B 70 -0.29 -23.20 -7.64
C PRO B 70 -0.30 -23.96 -6.29
N GLU B 71 0.61 -23.61 -5.39
CA GLU B 71 0.64 -24.22 -4.06
C GLU B 71 -0.64 -23.82 -3.32
N VAL B 72 -1.23 -24.74 -2.54
CA VAL B 72 -2.49 -24.48 -1.83
C VAL B 72 -2.47 -23.18 -1.01
N LYS B 73 -1.32 -22.82 -0.37
CA LYS B 73 -1.24 -21.54 0.36
C LYS B 73 -1.60 -20.33 -0.54
N ILE B 74 -1.19 -20.33 -1.83
CA ILE B 74 -1.51 -19.26 -2.79
C ILE B 74 -3.00 -19.23 -3.10
N LEU B 75 -3.58 -20.40 -3.40
CA LEU B 75 -5.00 -20.51 -3.74
C LEU B 75 -5.86 -20.03 -2.58
N ASN B 76 -5.48 -20.37 -1.35
CA ASN B 76 -6.17 -19.99 -0.12
C ASN B 76 -6.06 -18.49 0.09
N ASN B 77 -4.85 -17.96 -0.09
CA ASN B 77 -4.63 -16.52 0.10
C ASN B 77 -5.41 -15.70 -0.91
N LEU B 78 -5.68 -16.26 -2.10
CA LEU B 78 -6.48 -15.62 -3.14
C LEU B 78 -7.97 -15.90 -3.02
N GLY B 79 -8.40 -16.57 -1.94
CA GLY B 79 -9.81 -16.86 -1.70
C GLY B 79 -10.47 -17.89 -2.59
N VAL B 80 -9.69 -18.84 -3.17
CA VAL B 80 -10.22 -19.89 -4.04
C VAL B 80 -11.08 -20.88 -3.23
N ASP B 81 -12.31 -21.09 -3.67
CA ASP B 81 -13.28 -21.96 -3.02
C ASP B 81 -13.35 -23.34 -3.64
N ILE B 82 -13.26 -23.38 -4.97
CA ILE B 82 -13.47 -24.58 -5.75
C ILE B 82 -12.68 -24.46 -7.06
N ALA B 83 -12.35 -25.58 -7.67
CA ALA B 83 -11.64 -25.58 -8.94
C ALA B 83 -12.57 -25.99 -10.06
N ALA B 84 -12.34 -25.45 -11.27
CA ALA B 84 -13.13 -25.81 -12.43
C ALA B 84 -12.60 -27.07 -13.10
N ASN B 85 -13.37 -28.18 -12.99
CA ASN B 85 -13.16 -29.44 -13.69
C ASN B 85 -11.81 -30.11 -13.44
N THR B 86 -11.32 -29.99 -12.22
CA THR B 86 -10.08 -30.60 -11.74
C THR B 86 -10.14 -30.73 -10.21
N VAL B 87 -9.17 -31.45 -9.61
CA VAL B 87 -9.05 -31.56 -8.17
C VAL B 87 -7.66 -31.08 -7.83
N ILE B 88 -7.55 -30.05 -6.98
CA ILE B 88 -6.25 -29.65 -6.49
C ILE B 88 -6.03 -30.48 -5.23
N TRP B 89 -5.12 -31.46 -5.30
CA TRP B 89 -4.83 -32.30 -4.16
C TRP B 89 -3.88 -31.58 -3.24
N ASP B 90 -4.22 -31.56 -1.96
CA ASP B 90 -3.43 -30.93 -0.93
C ASP B 90 -2.56 -32.04 -0.34
N TYR B 91 -1.29 -32.09 -0.74
CA TYR B 91 -0.37 -33.12 -0.29
C TYR B 91 0.08 -32.91 1.16
N LYS B 92 0.02 -31.68 1.68
CA LYS B 92 0.36 -31.44 3.08
C LYS B 92 -0.73 -31.98 4.01
N ARG B 93 -1.99 -31.95 3.59
CA ARG B 93 -3.08 -32.50 4.37
C ARG B 93 -3.51 -33.89 3.91
N ASP B 94 -2.99 -34.40 2.77
CA ASP B 94 -3.40 -35.68 2.18
C ASP B 94 -4.90 -35.69 1.94
N ALA B 95 -5.41 -34.58 1.39
CA ALA B 95 -6.83 -34.40 1.20
C ALA B 95 -7.09 -33.44 0.06
N PRO B 96 -8.32 -33.42 -0.48
CA PRO B 96 -8.63 -32.41 -1.51
C PRO B 96 -8.48 -30.99 -0.91
N ALA B 97 -7.94 -30.04 -1.69
CA ALA B 97 -7.78 -28.67 -1.17
C ALA B 97 -9.14 -27.96 -0.97
N HIS B 98 -10.17 -28.41 -1.70
CA HIS B 98 -11.51 -27.81 -1.70
C HIS B 98 -12.56 -28.88 -1.38
N ILE B 99 -13.60 -28.48 -0.68
CA ILE B 99 -14.69 -29.32 -0.22
C ILE B 99 -15.47 -29.96 -1.37
N SER B 100 -15.83 -29.14 -2.38
CA SER B 100 -16.64 -29.54 -3.50
C SER B 100 -15.88 -29.50 -4.81
N THR B 101 -16.47 -30.12 -5.82
CA THR B 101 -15.89 -30.15 -7.14
C THR B 101 -16.89 -29.63 -8.20
N ILE B 102 -16.39 -29.39 -9.42
CA ILE B 102 -17.19 -29.01 -10.57
C ILE B 102 -16.80 -29.96 -11.69
N GLY B 103 -17.73 -30.79 -12.15
CA GLY B 103 -17.52 -31.75 -13.22
C GLY B 103 -16.44 -32.79 -12.96
N VAL B 104 -16.31 -33.26 -11.71
CA VAL B 104 -15.27 -34.22 -11.34
C VAL B 104 -15.82 -35.56 -10.78
N CYS B 105 -16.63 -35.52 -9.73
CA CYS B 105 -17.07 -36.71 -9.02
C CYS B 105 -18.52 -36.51 -8.63
N SER B 106 -19.38 -37.49 -8.89
CA SER B 106 -20.80 -37.37 -8.64
C SER B 106 -21.18 -37.14 -7.18
N MET B 107 -20.35 -37.58 -6.23
CA MET B 107 -20.62 -37.38 -4.81
C MET B 107 -20.30 -35.96 -4.32
N THR B 108 -19.27 -35.32 -4.90
CA THR B 108 -18.82 -34.00 -4.44
C THR B 108 -19.18 -32.82 -5.36
N ASP B 109 -19.65 -33.11 -6.57
CA ASP B 109 -20.00 -32.09 -7.54
C ASP B 109 -21.15 -31.24 -7.10
N ILE B 110 -20.98 -29.92 -7.19
CA ILE B 110 -22.08 -29.00 -6.96
C ILE B 110 -22.69 -28.57 -8.31
N ALA B 111 -21.98 -28.82 -9.43
CA ALA B 111 -22.26 -28.45 -10.81
C ALA B 111 -21.34 -29.28 -11.71
N LYS B 112 -21.70 -29.41 -13.00
CA LYS B 112 -20.87 -30.06 -14.00
C LYS B 112 -19.99 -29.01 -14.72
N LYS B 113 -20.50 -27.76 -14.87
CA LYS B 113 -19.79 -26.66 -15.52
C LYS B 113 -19.73 -25.44 -14.59
N PRO B 114 -18.62 -24.67 -14.60
CA PRO B 114 -18.57 -23.48 -13.73
C PRO B 114 -19.56 -22.37 -14.12
N THR B 115 -20.24 -22.51 -15.26
CA THR B 115 -21.25 -21.53 -15.69
C THR B 115 -22.57 -21.69 -14.97
N GLU B 116 -22.78 -22.79 -14.22
CA GLU B 116 -24.00 -23.01 -13.46
C GLU B 116 -24.13 -21.96 -12.37
N THR B 117 -25.36 -21.52 -12.07
CA THR B 117 -25.57 -20.40 -11.15
C THR B 117 -25.06 -20.68 -9.73
N ILE B 118 -24.93 -21.96 -9.31
CA ILE B 118 -24.39 -22.26 -7.98
C ILE B 118 -22.92 -21.80 -7.84
N CYS B 119 -22.18 -21.70 -8.95
CA CYS B 119 -20.78 -21.31 -8.92
C CYS B 119 -20.57 -19.79 -8.96
N ALA B 120 -21.61 -19.01 -9.32
CA ALA B 120 -21.52 -17.55 -9.41
C ALA B 120 -20.95 -16.90 -8.15
N PRO B 121 -21.44 -17.21 -6.92
CA PRO B 121 -20.85 -16.57 -5.73
C PRO B 121 -19.51 -17.16 -5.24
N LEU B 122 -19.06 -18.27 -5.81
CA LEU B 122 -17.82 -18.92 -5.40
C LEU B 122 -16.65 -18.48 -6.24
N THR B 123 -15.46 -18.33 -5.64
CA THR B 123 -14.27 -17.98 -6.39
C THR B 123 -13.73 -19.28 -6.99
N VAL B 124 -14.02 -19.49 -8.30
CA VAL B 124 -13.63 -20.67 -9.02
C VAL B 124 -12.21 -20.51 -9.56
N PHE B 125 -11.40 -21.56 -9.45
CA PHE B 125 -10.06 -21.55 -9.99
C PHE B 125 -10.13 -22.04 -11.43
N PHE B 126 -9.53 -21.27 -12.34
CA PHE B 126 -9.47 -21.53 -13.77
C PHE B 126 -8.02 -21.63 -14.18
N ASP B 127 -7.74 -22.57 -15.07
CA ASP B 127 -6.42 -22.88 -15.57
C ASP B 127 -6.40 -22.60 -17.08
N GLY B 128 -5.74 -21.50 -17.43
CA GLY B 128 -5.61 -21.07 -18.82
C GLY B 128 -4.94 -22.08 -19.72
N ARG B 129 -4.26 -23.10 -19.14
CA ARG B 129 -3.64 -24.17 -19.93
C ARG B 129 -4.68 -25.18 -20.48
N VAL B 130 -5.89 -25.19 -19.93
CA VAL B 130 -6.99 -26.05 -20.39
C VAL B 130 -7.82 -25.20 -21.34
N ASP B 131 -8.20 -25.77 -22.50
CA ASP B 131 -8.99 -25.06 -23.49
C ASP B 131 -10.30 -24.53 -22.91
N GLY B 132 -10.62 -23.27 -23.25
CA GLY B 132 -11.85 -22.59 -22.84
C GLY B 132 -11.92 -22.04 -21.43
N GLN B 133 -10.89 -22.27 -20.58
CA GLN B 133 -10.94 -21.78 -19.20
C GLN B 133 -10.70 -20.29 -19.06
N VAL B 134 -9.89 -19.70 -19.95
CA VAL B 134 -9.66 -18.24 -19.96
C VAL B 134 -11.01 -17.54 -20.23
N ASP B 135 -11.80 -18.08 -21.17
CA ASP B 135 -13.13 -17.57 -21.53
C ASP B 135 -14.18 -17.82 -20.45
N LEU B 136 -14.08 -18.95 -19.69
CA LEU B 136 -14.96 -19.23 -18.56
C LEU B 136 -14.65 -18.25 -17.41
N PHE B 137 -13.37 -17.86 -17.23
CA PHE B 137 -13.00 -16.86 -16.24
C PHE B 137 -13.58 -15.50 -16.68
N ARG B 138 -13.46 -15.17 -17.98
CA ARG B 138 -13.99 -13.91 -18.56
C ARG B 138 -15.48 -13.76 -18.31
N ASN B 139 -16.22 -14.87 -18.32
CA ASN B 139 -17.66 -14.83 -18.08
C ASN B 139 -18.04 -15.02 -16.60
N ALA B 140 -17.10 -15.51 -15.75
CA ALA B 140 -17.36 -15.74 -14.34
C ALA B 140 -17.48 -14.50 -13.49
N ARG B 141 -18.34 -14.59 -12.48
CA ARG B 141 -18.54 -13.49 -11.54
C ARG B 141 -17.34 -13.44 -10.59
N ASN B 142 -16.95 -14.62 -10.05
CA ASN B 142 -15.82 -14.74 -9.13
C ASN B 142 -14.91 -15.84 -9.60
N GLY B 143 -13.63 -15.56 -9.56
CA GLY B 143 -12.65 -16.53 -10.02
C GLY B 143 -11.22 -16.07 -9.93
N VAL B 144 -10.31 -17.04 -10.03
CA VAL B 144 -8.88 -16.83 -10.06
C VAL B 144 -8.41 -17.57 -11.30
N LEU B 145 -7.66 -16.88 -12.15
CA LEU B 145 -7.15 -17.46 -13.37
C LEU B 145 -5.63 -17.53 -13.38
N ILE B 146 -5.06 -18.67 -13.80
CA ILE B 146 -3.63 -18.77 -14.03
C ILE B 146 -3.37 -18.98 -15.52
N THR B 147 -2.34 -18.35 -16.05
CA THR B 147 -1.96 -18.55 -17.44
C THR B 147 -0.43 -18.68 -17.56
N GLU B 148 0.04 -19.21 -18.69
CA GLU B 148 1.45 -19.26 -18.98
C GLU B 148 1.93 -18.01 -19.76
N GLY B 149 1.01 -17.31 -20.41
CA GLY B 149 1.32 -16.11 -21.18
C GLY B 149 0.31 -15.00 -21.00
N SER B 150 0.28 -14.04 -21.95
CA SER B 150 -0.61 -12.90 -21.84
C SER B 150 -2.07 -13.17 -22.22
N VAL B 151 -2.98 -12.45 -21.54
CA VAL B 151 -4.40 -12.52 -21.76
C VAL B 151 -4.82 -11.16 -22.32
N LYS B 152 -5.53 -11.16 -23.45
CA LYS B 152 -5.97 -9.94 -24.12
C LYS B 152 -6.74 -9.00 -23.20
N GLY B 153 -6.25 -7.78 -23.09
CA GLY B 153 -6.86 -6.75 -22.26
C GLY B 153 -6.52 -6.80 -20.78
N LEU B 154 -6.45 -8.00 -20.20
CA LEU B 154 -6.16 -8.17 -18.79
C LEU B 154 -4.69 -8.02 -18.44
N GLN B 155 -4.40 -7.21 -17.42
CA GLN B 155 -3.04 -7.04 -16.92
C GLN B 155 -2.71 -8.13 -15.92
N PRO B 156 -1.51 -8.73 -16.03
CA PRO B 156 -1.18 -9.83 -15.13
C PRO B 156 -0.44 -9.46 -13.86
N SER B 157 -0.52 -10.39 -12.92
CA SER B 157 0.24 -10.34 -11.69
C SER B 157 1.18 -11.55 -11.82
N VAL B 158 2.49 -11.32 -11.89
CA VAL B 158 3.46 -12.40 -11.98
C VAL B 158 3.50 -13.14 -10.66
N GLY B 159 3.19 -14.43 -10.68
CA GLY B 159 3.16 -15.24 -9.48
C GLY B 159 4.53 -15.72 -9.05
N PRO B 160 4.56 -16.63 -8.09
CA PRO B 160 5.85 -17.19 -7.66
C PRO B 160 6.48 -18.04 -8.77
N LYS B 161 7.81 -18.18 -8.72
CA LYS B 161 8.59 -18.98 -9.65
C LYS B 161 8.21 -20.46 -9.56
N GLN B 162 7.86 -20.91 -8.35
CA GLN B 162 7.57 -22.30 -8.04
C GLN B 162 6.10 -22.68 -8.06
N ALA B 163 5.86 -23.96 -8.36
CA ALA B 163 4.54 -24.56 -8.35
C ALA B 163 4.64 -25.98 -7.77
N SER B 164 3.51 -26.59 -7.46
CA SER B 164 3.48 -27.95 -6.94
C SER B 164 3.15 -28.96 -8.06
N LEU B 165 4.07 -29.90 -8.35
CA LEU B 165 3.83 -30.95 -9.33
C LEU B 165 3.78 -32.29 -8.59
N ASN B 166 2.58 -32.85 -8.40
CA ASN B 166 2.41 -34.11 -7.67
C ASN B 166 2.97 -34.06 -6.26
N GLY B 167 2.81 -32.91 -5.61
CA GLY B 167 3.28 -32.70 -4.25
C GLY B 167 4.72 -32.29 -4.14
N VAL B 168 5.42 -32.13 -5.26
CA VAL B 168 6.81 -31.70 -5.24
C VAL B 168 6.80 -30.22 -5.61
N THR B 169 7.20 -29.36 -4.67
CA THR B 169 7.29 -27.94 -4.96
C THR B 169 8.59 -27.73 -5.68
N LEU B 170 8.52 -27.17 -6.89
CA LEU B 170 9.71 -26.98 -7.70
C LEU B 170 9.59 -25.78 -8.63
N ILE B 171 10.75 -25.30 -9.08
CA ILE B 171 10.88 -24.24 -10.06
C ILE B 171 11.20 -25.01 -11.34
N GLY B 172 10.22 -25.03 -12.24
CA GLY B 172 10.28 -25.81 -13.46
C GLY B 172 11.35 -25.44 -14.45
N GLU B 173 11.99 -26.47 -15.03
CA GLU B 173 12.98 -26.35 -16.09
C GLU B 173 12.43 -27.05 -17.32
N ALA B 174 11.81 -28.23 -17.15
CA ALA B 174 11.18 -28.93 -18.26
C ALA B 174 9.69 -28.56 -18.43
N VAL B 175 9.09 -27.90 -17.44
CA VAL B 175 7.70 -27.43 -17.40
C VAL B 175 7.68 -26.02 -16.86
N LYS B 176 6.65 -25.26 -17.20
CA LYS B 176 6.49 -23.91 -16.70
C LYS B 176 5.76 -23.99 -15.37
N THR B 177 6.33 -23.33 -14.33
CA THR B 177 5.74 -23.25 -12.99
C THR B 177 5.38 -21.81 -12.58
N GLN B 178 5.94 -20.77 -13.29
CA GLN B 178 5.63 -19.38 -12.98
C GLN B 178 4.44 -18.93 -13.82
N PHE B 179 3.31 -18.65 -13.15
CA PHE B 179 2.08 -18.28 -13.83
C PHE B 179 1.75 -16.82 -13.69
N ASN B 180 0.88 -16.33 -14.57
CA ASN B 180 0.30 -15.02 -14.46
C ASN B 180 -0.99 -15.29 -13.68
N TYR B 181 -1.30 -14.42 -12.74
CA TYR B 181 -2.49 -14.58 -11.93
C TYR B 181 -3.43 -13.44 -12.21
N TYR B 182 -4.71 -13.75 -12.27
CA TYR B 182 -5.79 -12.80 -12.48
C TYR B 182 -6.89 -13.14 -11.47
N LYS B 183 -7.64 -12.15 -11.02
CA LYS B 183 -8.69 -12.39 -10.06
C LYS B 183 -9.87 -11.48 -10.34
N LYS B 184 -11.07 -12.01 -10.26
CA LYS B 184 -12.28 -11.25 -10.44
C LYS B 184 -13.11 -11.41 -9.21
N VAL B 185 -13.66 -10.30 -8.73
CA VAL B 185 -14.57 -10.26 -7.59
C VAL B 185 -15.82 -9.54 -8.12
N ASP B 186 -16.99 -10.18 -8.02
CA ASP B 186 -18.30 -9.69 -8.47
C ASP B 186 -18.32 -9.08 -9.89
N GLY B 187 -17.61 -9.73 -10.80
CA GLY B 187 -17.54 -9.34 -12.20
C GLY B 187 -16.46 -8.35 -12.56
N VAL B 188 -15.79 -7.80 -11.55
CA VAL B 188 -14.77 -6.79 -11.73
C VAL B 188 -13.39 -7.41 -11.63
N VAL B 189 -12.54 -7.19 -12.63
CA VAL B 189 -11.15 -7.66 -12.62
C VAL B 189 -10.43 -6.83 -11.57
N GLN B 190 -9.84 -7.49 -10.63
CA GLN B 190 -9.12 -6.85 -9.54
C GLN B 190 -7.72 -6.51 -9.95
N GLN B 191 -7.16 -5.52 -9.26
CA GLN B 191 -5.76 -5.24 -9.38
C GLN B 191 -5.15 -6.02 -8.19
N LEU B 192 -4.40 -7.09 -8.47
CA LEU B 192 -3.76 -7.86 -7.41
C LEU B 192 -2.66 -7.00 -6.84
N PRO B 193 -2.46 -7.04 -5.51
CA PRO B 193 -1.48 -6.14 -4.90
C PRO B 193 -0.04 -6.57 -5.15
N GLU B 194 0.91 -5.64 -4.95
CA GLU B 194 2.35 -5.89 -4.90
C GLU B 194 2.57 -6.89 -3.77
N THR B 195 3.32 -7.95 -4.01
CA THR B 195 3.51 -8.97 -2.99
C THR B 195 4.89 -9.54 -3.01
N TYR B 196 5.34 -9.95 -1.85
CA TYR B 196 6.54 -10.75 -1.74
C TYR B 196 6.03 -12.21 -1.87
N PHE B 197 6.92 -13.14 -2.15
CA PHE B 197 6.56 -14.55 -2.19
C PHE B 197 7.42 -15.37 -1.26
N THR B 198 6.80 -16.34 -0.57
CA THR B 198 7.58 -17.28 0.24
C THR B 198 8.30 -18.22 -0.74
N GLN B 199 9.45 -18.77 -0.32
CA GLN B 199 10.27 -19.58 -1.19
C GLN B 199 9.93 -21.08 -1.17
N SER B 200 9.10 -21.54 -0.22
CA SER B 200 8.66 -22.94 -0.14
C SER B 200 9.78 -23.99 -0.09
N ARG B 201 10.88 -23.66 0.57
CA ARG B 201 11.99 -24.58 0.71
C ARG B 201 11.81 -25.51 1.91
N ASN B 202 12.61 -26.61 1.93
CA ASN B 202 12.66 -27.61 2.99
C ASN B 202 13.88 -27.35 3.82
N LEU B 203 13.81 -27.72 5.07
CA LEU B 203 14.94 -27.63 5.97
C LEU B 203 16.08 -28.59 5.56
N GLN B 204 15.72 -29.82 5.18
CA GLN B 204 16.68 -30.86 4.84
C GLN B 204 17.38 -30.64 3.49
N GLU B 205 16.66 -30.08 2.51
CA GLU B 205 17.25 -29.86 1.19
C GLU B 205 17.27 -28.39 0.83
N PHE B 206 17.63 -27.54 1.81
CA PHE B 206 17.66 -26.10 1.60
C PHE B 206 18.79 -25.62 0.68
N LYS B 207 18.45 -24.82 -0.33
CA LYS B 207 19.41 -24.23 -1.27
C LYS B 207 19.30 -22.70 -1.29
N PRO B 208 20.43 -22.00 -1.18
CA PRO B 208 20.41 -20.54 -1.24
C PRO B 208 20.04 -20.02 -2.64
N ARG B 209 19.22 -18.96 -2.72
CA ARG B 209 18.78 -18.42 -4.00
C ARG B 209 19.25 -16.98 -4.26
N SER B 210 20.36 -16.58 -3.62
CA SER B 210 20.97 -15.27 -3.79
C SER B 210 22.38 -15.27 -3.19
N GLN B 211 23.22 -14.29 -3.55
CA GLN B 211 24.57 -14.19 -2.98
C GLN B 211 24.50 -13.88 -1.47
N MET B 212 23.45 -13.20 -1.01
CA MET B 212 23.29 -12.92 0.41
C MET B 212 23.00 -14.23 1.17
N GLU B 213 22.14 -15.09 0.58
CA GLU B 213 21.80 -16.37 1.18
C GLU B 213 22.99 -17.32 1.20
N ILE B 214 23.87 -17.25 0.17
CA ILE B 214 25.09 -18.07 0.12
C ILE B 214 26.02 -17.61 1.26
N ASP B 215 26.16 -16.27 1.42
CA ASP B 215 27.00 -15.67 2.45
C ASP B 215 26.46 -15.95 3.86
N PHE B 216 25.13 -16.03 4.03
CA PHE B 216 24.56 -16.30 5.35
C PHE B 216 24.92 -17.71 5.81
N LEU B 217 24.82 -18.68 4.91
CA LEU B 217 25.11 -20.07 5.20
C LEU B 217 26.61 -20.33 5.29
N GLU B 218 27.44 -19.59 4.55
CA GLU B 218 28.89 -19.82 4.57
C GLU B 218 29.61 -19.05 5.66
N LEU B 219 29.34 -17.75 5.80
CA LEU B 219 30.02 -16.92 6.78
C LEU B 219 29.58 -17.14 8.22
N ALA B 220 30.41 -16.68 9.17
CA ALA B 220 30.09 -16.69 10.58
C ALA B 220 29.08 -15.55 10.84
N MET B 221 28.31 -15.64 11.93
CA MET B 221 27.29 -14.66 12.26
C MET B 221 27.77 -13.20 12.23
N ASP B 222 28.84 -12.88 12.96
CA ASP B 222 29.32 -11.52 13.07
C ASP B 222 29.89 -10.95 11.77
N GLU B 223 30.52 -11.78 10.92
CA GLU B 223 31.05 -11.26 9.67
C GLU B 223 29.96 -11.11 8.60
N PHE B 224 28.86 -11.89 8.69
CA PHE B 224 27.74 -11.70 7.75
C PHE B 224 27.03 -10.38 8.08
N ILE B 225 26.73 -10.17 9.36
CA ILE B 225 26.07 -8.96 9.83
C ILE B 225 26.94 -7.72 9.51
N GLU B 226 28.27 -7.87 9.57
CA GLU B 226 29.21 -6.81 9.25
C GLU B 226 29.19 -6.51 7.76
N ARG B 227 29.29 -7.56 6.91
CA ARG B 227 29.29 -7.44 5.45
C ARG B 227 28.00 -6.79 4.91
N TYR B 228 26.86 -7.14 5.51
CA TYR B 228 25.57 -6.63 5.03
C TYR B 228 25.02 -5.46 5.83
N LYS B 229 25.84 -4.87 6.73
CA LYS B 229 25.49 -3.70 7.54
C LYS B 229 24.18 -3.90 8.29
N LEU B 230 24.06 -5.06 8.95
CA LEU B 230 22.85 -5.38 9.69
C LEU B 230 22.93 -5.13 11.18
N GLU B 231 23.91 -4.34 11.64
CA GLU B 231 24.05 -4.00 13.05
C GLU B 231 22.83 -3.22 13.53
N GLY B 232 22.26 -3.64 14.65
CA GLY B 232 21.09 -2.99 15.23
C GLY B 232 19.77 -3.56 14.75
N TYR B 233 19.81 -4.57 13.85
CA TYR B 233 18.60 -5.17 13.29
C TYR B 233 18.19 -6.52 13.91
N ALA B 234 18.83 -6.90 15.03
CA ALA B 234 18.58 -8.11 15.80
C ALA B 234 18.58 -9.42 14.99
N PHE B 235 19.46 -9.53 13.98
CA PHE B 235 19.55 -10.77 13.22
C PHE B 235 20.06 -11.93 14.07
N GLU B 236 20.89 -11.62 15.08
CA GLU B 236 21.42 -12.59 16.04
C GLU B 236 20.24 -13.33 16.74
N HIS B 237 19.20 -12.57 17.09
CA HIS B 237 18.00 -13.11 17.72
C HIS B 237 16.99 -13.64 16.67
N ILE B 238 16.50 -12.80 15.75
CA ILE B 238 15.49 -13.12 14.74
C ILE B 238 15.86 -14.24 13.76
N VAL B 239 17.06 -14.17 13.17
CA VAL B 239 17.44 -15.09 12.11
C VAL B 239 18.33 -16.23 12.60
N TYR B 240 19.39 -15.92 13.33
CA TYR B 240 20.31 -16.94 13.82
C TYR B 240 19.72 -17.76 14.95
N GLY B 241 18.97 -17.12 15.82
CA GLY B 241 18.37 -17.81 16.96
C GLY B 241 19.21 -17.74 18.20
N ASP B 242 18.55 -17.68 19.34
CA ASP B 242 19.20 -17.62 20.63
C ASP B 242 18.83 -18.90 21.37
N PHE B 243 19.81 -19.77 21.57
CA PHE B 243 19.58 -21.04 22.26
C PHE B 243 20.18 -21.03 23.65
N SER B 244 20.40 -19.84 24.26
CA SER B 244 21.06 -19.77 25.57
C SER B 244 20.08 -19.85 26.75
N HIS B 245 18.80 -19.57 26.55
CA HIS B 245 17.81 -19.64 27.63
C HIS B 245 16.81 -20.78 27.40
N SER B 246 16.00 -21.12 28.45
CA SER B 246 15.01 -22.19 28.33
C SER B 246 14.04 -21.93 27.19
N GLN B 247 13.61 -20.67 27.02
CA GLN B 247 12.81 -20.32 25.87
C GLN B 247 13.73 -19.91 24.71
N LEU B 248 13.61 -20.64 23.58
CA LEU B 248 14.35 -20.40 22.34
C LEU B 248 14.00 -19.00 21.84
N GLY B 249 15.02 -18.21 21.59
CA GLY B 249 14.85 -16.85 21.13
C GLY B 249 14.89 -16.70 19.63
N GLY B 250 13.89 -15.99 19.10
CA GLY B 250 13.77 -15.73 17.68
C GLY B 250 13.60 -16.98 16.85
N LEU B 251 14.46 -17.10 15.80
CA LEU B 251 14.48 -18.21 14.85
C LEU B 251 13.17 -18.26 14.06
N HIS B 252 12.89 -17.18 13.35
CA HIS B 252 11.65 -17.03 12.59
C HIS B 252 11.82 -17.09 11.08
N LEU B 253 13.06 -17.25 10.56
CA LEU B 253 13.33 -17.33 9.14
C LEU B 253 13.85 -18.71 8.82
N LEU B 254 13.27 -19.41 7.84
CA LEU B 254 13.67 -20.76 7.49
C LEU B 254 15.17 -20.93 7.22
N ILE B 255 15.83 -19.95 6.58
CA ILE B 255 17.26 -20.03 6.31
C ILE B 255 18.08 -20.15 7.63
N GLY B 256 17.62 -19.52 8.70
CA GLY B 256 18.27 -19.61 10.01
C GLY B 256 18.11 -20.98 10.63
N LEU B 257 16.96 -21.62 10.41
CA LEU B 257 16.73 -22.98 10.86
C LEU B 257 17.63 -23.91 10.05
N ALA B 258 17.77 -23.67 8.72
CA ALA B 258 18.59 -24.50 7.85
C ALA B 258 20.06 -24.44 8.27
N LYS B 259 20.56 -23.24 8.63
CA LYS B 259 21.95 -23.10 9.06
C LYS B 259 22.20 -23.89 10.35
N ARG B 260 21.26 -23.80 11.31
CA ARG B 260 21.31 -24.50 12.59
C ARG B 260 21.26 -26.01 12.38
N PHE B 261 20.38 -26.47 11.49
CA PHE B 261 20.17 -27.87 11.14
C PHE B 261 21.44 -28.58 10.64
N LYS B 262 22.35 -27.83 9.99
CA LYS B 262 23.61 -28.36 9.49
C LYS B 262 24.52 -28.72 10.66
N GLU B 263 24.50 -27.92 11.74
CA GLU B 263 25.33 -28.16 12.91
C GLU B 263 24.69 -29.14 13.90
N SER B 264 23.43 -28.92 14.28
CA SER B 264 22.77 -29.82 15.23
C SER B 264 21.29 -29.97 14.94
N PRO B 265 20.71 -31.15 15.25
CA PRO B 265 19.31 -31.38 14.94
C PRO B 265 18.35 -30.76 15.95
N PHE B 266 17.08 -30.70 15.58
CA PHE B 266 16.03 -30.19 16.47
C PHE B 266 14.67 -30.73 16.02
N GLU B 267 13.71 -30.81 16.95
CA GLU B 267 12.38 -31.27 16.60
C GLU B 267 11.49 -30.11 16.28
N LEU B 268 10.75 -30.19 15.16
CA LEU B 268 9.81 -29.16 14.77
C LEU B 268 8.45 -29.81 14.78
N GLU B 269 7.62 -29.54 15.79
CA GLU B 269 6.29 -30.12 15.83
C GLU B 269 5.32 -29.25 15.04
N ASP B 270 4.84 -29.78 13.92
CA ASP B 270 3.90 -29.11 13.05
C ASP B 270 2.49 -29.38 13.61
N PHE B 271 2.06 -28.63 14.63
CA PHE B 271 0.79 -28.91 15.31
C PHE B 271 -0.47 -28.52 14.51
N ILE B 272 -0.35 -27.74 13.42
CA ILE B 272 -1.47 -27.46 12.51
C ILE B 272 -0.93 -27.80 11.14
N PRO B 273 -0.96 -29.08 10.72
CA PRO B 273 -0.34 -29.46 9.45
C PRO B 273 -1.15 -29.13 8.20
N MET B 274 -0.85 -27.98 7.65
CA MET B 274 -1.46 -27.45 6.45
C MET B 274 -0.48 -26.51 5.77
N ASP B 275 -0.70 -26.22 4.50
CA ASP B 275 0.14 -25.29 3.77
C ASP B 275 -0.27 -23.88 4.16
N SER B 276 0.67 -23.08 4.63
CA SER B 276 0.40 -21.67 4.91
C SER B 276 1.65 -20.82 4.77
N THR B 277 1.45 -19.53 4.44
CA THR B 277 2.51 -18.52 4.25
C THR B 277 3.43 -18.48 5.46
N VAL B 278 2.84 -18.40 6.65
CA VAL B 278 3.58 -18.49 7.88
C VAL B 278 3.25 -19.85 8.56
N LYS B 279 4.27 -20.59 9.00
CA LYS B 279 4.06 -21.86 9.70
C LYS B 279 4.36 -21.71 11.18
N ASN B 280 3.66 -22.45 12.04
CA ASN B 280 3.90 -22.42 13.49
C ASN B 280 4.41 -23.77 13.93
N TYR B 281 5.56 -23.78 14.63
CA TYR B 281 6.14 -25.03 15.11
C TYR B 281 6.45 -25.02 16.56
N PHE B 282 6.26 -26.15 17.25
CA PHE B 282 6.68 -26.28 18.64
C PHE B 282 8.11 -26.82 18.47
N ILE B 283 9.13 -25.99 18.68
CA ILE B 283 10.51 -26.41 18.43
C ILE B 283 11.26 -26.76 19.72
N THR B 284 12.10 -27.81 19.66
CA THR B 284 12.95 -28.25 20.76
C THR B 284 14.34 -28.45 20.17
N ASP B 285 15.30 -27.63 20.56
CA ASP B 285 16.66 -27.74 20.08
C ASP B 285 17.30 -28.90 20.81
N ALA B 286 17.77 -29.94 20.09
CA ALA B 286 18.32 -31.12 20.74
C ALA B 286 19.66 -30.91 21.45
N GLN B 287 20.48 -29.97 20.96
CA GLN B 287 21.79 -29.73 21.57
C GLN B 287 21.69 -29.04 22.92
N THR B 288 20.84 -28.01 23.03
CA THR B 288 20.76 -27.20 24.23
C THR B 288 19.54 -27.46 25.11
N GLY B 289 18.47 -27.93 24.52
CA GLY B 289 17.22 -28.10 25.25
C GLY B 289 16.42 -26.81 25.28
N SER B 290 16.85 -25.80 24.50
CA SER B 290 16.15 -24.53 24.34
C SER B 290 14.90 -24.86 23.50
N SER B 291 13.71 -24.39 23.92
CA SER B 291 12.48 -24.73 23.21
C SER B 291 11.46 -23.57 23.17
N LYS B 292 10.47 -23.66 22.27
CA LYS B 292 9.42 -22.63 22.17
C LYS B 292 8.13 -23.30 21.64
N CYS B 293 7.01 -23.18 22.38
CA CYS B 293 5.72 -23.76 21.97
C CYS B 293 5.22 -23.31 20.61
N VAL B 294 5.30 -22.00 20.36
CA VAL B 294 4.82 -21.45 19.10
C VAL B 294 5.92 -20.63 18.49
N CYS B 295 6.66 -21.22 17.57
CA CYS B 295 7.71 -20.51 16.89
C CYS B 295 7.28 -20.32 15.45
N SER B 296 6.87 -19.10 15.10
CA SER B 296 6.43 -18.81 13.75
C SER B 296 7.62 -18.72 12.81
N VAL B 297 7.55 -19.43 11.70
CA VAL B 297 8.60 -19.49 10.72
C VAL B 297 8.05 -19.10 9.36
N ILE B 298 8.79 -18.27 8.67
CA ILE B 298 8.45 -17.88 7.32
C ILE B 298 9.65 -18.19 6.43
N ASP B 299 9.41 -18.68 5.20
CA ASP B 299 10.51 -18.89 4.28
C ASP B 299 10.57 -17.73 3.28
N LEU B 300 11.26 -16.67 3.65
CA LEU B 300 11.41 -15.52 2.77
C LEU B 300 12.81 -15.54 2.26
N LEU B 301 13.06 -15.06 1.04
CA LEU B 301 14.43 -14.88 0.54
C LEU B 301 15.11 -13.90 1.50
N LEU B 302 16.32 -14.18 1.94
CA LEU B 302 16.98 -13.34 2.96
C LEU B 302 17.03 -11.86 2.58
N ASP B 303 17.16 -11.57 1.30
CA ASP B 303 17.21 -10.21 0.77
C ASP B 303 15.86 -9.52 0.92
N ASP B 304 14.75 -10.28 0.74
CA ASP B 304 13.41 -9.74 0.89
C ASP B 304 13.12 -9.44 2.35
N PHE B 305 13.57 -10.31 3.26
CA PHE B 305 13.38 -10.10 4.69
C PHE B 305 14.18 -8.86 5.14
N VAL B 306 15.41 -8.70 4.63
CA VAL B 306 16.28 -7.55 4.93
C VAL B 306 15.59 -6.27 4.42
N GLU B 307 14.98 -6.32 3.22
CA GLU B 307 14.27 -5.16 2.68
C GLU B 307 13.09 -4.74 3.59
N ILE B 308 12.28 -5.71 4.05
CA ILE B 308 11.16 -5.47 4.95
C ILE B 308 11.64 -4.84 6.25
N ILE B 309 12.62 -5.45 6.94
CA ILE B 309 13.07 -4.94 8.23
C ILE B 309 13.78 -3.57 8.08
N LYS B 310 14.49 -3.34 6.97
CA LYS B 310 15.15 -2.07 6.73
C LYS B 310 14.20 -0.96 6.27
N SER B 311 12.94 -1.28 5.92
CA SER B 311 11.95 -0.30 5.50
C SER B 311 10.93 0.02 6.61
N GLN B 312 11.28 -0.28 7.87
CA GLN B 312 10.40 -0.01 9.01
C GLN B 312 10.91 1.11 9.88
N ASP B 313 9.98 1.84 10.49
CA ASP B 313 10.32 2.88 11.44
C ASP B 313 10.67 2.17 12.77
N LEU B 314 11.87 2.44 13.31
CA LEU B 314 12.35 1.80 14.53
C LEU B 314 12.23 2.68 15.77
N SER B 315 11.29 3.64 15.79
CA SER B 315 11.17 4.57 16.90
C SER B 315 10.10 4.24 17.94
N VAL B 316 9.33 3.14 17.78
CA VAL B 316 8.29 2.82 18.78
C VAL B 316 8.57 1.48 19.45
N VAL B 317 8.12 1.32 20.70
CA VAL B 317 8.35 0.11 21.46
C VAL B 317 7.74 -1.13 20.78
N SER B 318 6.45 -1.08 20.42
CA SER B 318 5.81 -2.22 19.77
C SER B 318 4.73 -1.80 18.80
N LYS B 319 4.74 -2.40 17.62
CA LYS B 319 3.74 -2.10 16.62
C LYS B 319 3.54 -3.25 15.63
N VAL B 320 2.40 -3.25 14.94
CA VAL B 320 2.07 -4.24 13.94
C VAL B 320 2.56 -3.73 12.59
N VAL B 321 3.31 -4.55 11.88
CA VAL B 321 3.85 -4.26 10.57
C VAL B 321 3.18 -5.20 9.62
N LYS B 322 2.45 -4.69 8.65
CA LYS B 322 1.72 -5.51 7.69
C LYS B 322 2.49 -5.64 6.38
N VAL B 323 2.66 -6.88 5.87
CA VAL B 323 3.42 -7.14 4.65
C VAL B 323 2.62 -8.04 3.74
N THR B 324 2.47 -7.67 2.45
CA THR B 324 1.78 -8.56 1.50
C THR B 324 2.76 -9.65 1.09
N ILE B 325 2.42 -10.92 1.46
CA ILE B 325 3.23 -12.09 1.16
C ILE B 325 2.28 -13.15 0.65
N ASP B 326 2.55 -13.68 -0.56
CA ASP B 326 1.72 -14.69 -1.24
C ASP B 326 0.31 -14.17 -1.44
N TYR B 327 0.18 -12.84 -1.72
CA TYR B 327 -1.07 -12.08 -1.94
C TYR B 327 -1.87 -11.83 -0.68
N THR B 328 -1.43 -12.35 0.49
CA THR B 328 -2.17 -12.13 1.73
C THR B 328 -1.47 -11.11 2.63
N GLU B 329 -2.22 -10.50 3.53
CA GLU B 329 -1.63 -9.56 4.49
C GLU B 329 -1.10 -10.31 5.72
N ILE B 330 0.22 -10.36 5.86
CA ILE B 330 0.86 -10.97 7.01
C ILE B 330 1.21 -9.88 8.01
N SER B 331 0.69 -10.00 9.23
CA SER B 331 1.02 -9.08 10.31
C SER B 331 2.26 -9.59 11.01
N PHE B 332 3.20 -8.70 11.27
CA PHE B 332 4.42 -8.96 12.00
C PHE B 332 4.39 -8.10 13.22
N MET B 333 5.07 -8.53 14.26
CA MET B 333 5.20 -7.75 15.45
C MET B 333 6.62 -7.21 15.46
N LEU B 334 6.77 -5.90 15.51
CA LEU B 334 8.06 -5.25 15.56
C LEU B 334 8.27 -4.60 16.94
N TRP B 335 9.33 -5.02 17.64
CA TRP B 335 9.68 -4.51 18.95
C TRP B 335 11.01 -3.83 18.87
N CYS B 336 11.07 -2.57 19.30
CA CYS B 336 12.29 -1.77 19.23
C CYS B 336 12.61 -1.16 20.58
N LYS B 337 13.85 -0.73 20.74
CA LYS B 337 14.33 -0.04 21.93
C LYS B 337 15.53 0.79 21.49
N ASP B 338 15.53 2.10 21.82
CA ASP B 338 16.62 3.04 21.52
C ASP B 338 17.03 3.09 20.03
N GLY B 339 16.07 2.96 19.13
CA GLY B 339 16.35 3.02 17.71
C GLY B 339 16.87 1.74 17.08
N HIS B 340 16.97 0.68 17.86
CA HIS B 340 17.40 -0.60 17.33
C HIS B 340 16.28 -1.62 17.48
N VAL B 341 16.29 -2.66 16.63
CA VAL B 341 15.33 -3.76 16.69
C VAL B 341 15.65 -4.65 17.90
N GLU B 342 14.62 -5.09 18.61
CA GLU B 342 14.74 -6.06 19.68
C GLU B 342 14.30 -7.41 19.09
N THR B 343 13.11 -7.45 18.50
CA THR B 343 12.59 -8.63 17.77
C THR B 343 11.63 -8.19 16.64
N PHE B 344 11.40 -9.09 15.68
CA PHE B 344 10.52 -8.91 14.53
C PHE B 344 10.08 -10.32 14.18
N TYR B 345 8.77 -10.61 14.25
CA TYR B 345 8.30 -11.96 14.02
C TYR B 345 6.93 -11.99 13.40
N PRO B 346 6.66 -12.97 12.52
CA PRO B 346 5.31 -13.08 11.95
C PRO B 346 4.33 -13.42 13.06
N LYS B 347 3.40 -12.52 13.38
CA LYS B 347 2.41 -12.79 14.43
C LYS B 347 1.28 -13.74 13.93
N LEU B 348 1.34 -14.17 12.63
CA LEU B 348 0.42 -15.07 11.93
C LEU B 348 0.53 -16.54 12.37
N GLN B 349 -0.48 -17.36 12.02
CA GLN B 349 -0.53 -18.79 12.36
C GLN B 349 -0.52 -19.74 11.14
C1 CIT C . -8.64 38.94 19.43
O1 CIT C . -9.63 38.22 18.96
O2 CIT C . -8.77 40.12 19.69
C2 CIT C . -7.33 38.23 19.61
C3 CIT C . -7.24 36.75 19.20
O7 CIT C . -7.27 36.64 17.77
C4 CIT C . -5.86 36.22 19.65
C5 CIT C . -4.70 36.90 19.00
O3 CIT C . -4.66 37.16 17.81
O4 CIT C . -3.73 37.22 19.83
C6 CIT C . -8.34 35.87 19.79
O5 CIT C . -9.03 35.12 19.10
O6 CIT C . -8.43 35.95 21.08
N1 WOY D . -4.58 36.56 25.55
C4 WOY D . -5.85 36.43 26.06
C5 WOY D . -7.77 36.00 27.39
C WOY D . -8.20 36.27 25.97
N2 WOY D . -6.40 36.27 27.43
C1 WOY D . -6.92 36.43 25.16
C3 WOY D . -4.37 36.68 24.24
N WOY D . -5.38 36.69 23.35
C2 WOY D . -6.64 36.58 23.78
N1 WOY E . 7.19 -9.04 24.15
C4 WOY E . 8.44 -8.55 23.90
C5 WOY E . 10.47 -7.31 23.87
C WOY E . 10.58 -8.45 22.90
N2 WOY E . 9.20 -7.38 24.43
C1 WOY E . 9.26 -9.22 22.99
C3 WOY E . 6.76 -10.14 23.53
N WOY E . 7.52 -10.79 22.64
C2 WOY E . 8.75 -10.36 22.36
C1 CIT F . 10.79 -13.11 19.70
O1 CIT F . 11.21 -13.72 18.63
O2 CIT F . 11.50 -12.47 20.43
C2 CIT F . 9.35 -13.24 19.96
C3 CIT F . 8.93 -14.60 20.52
O7 CIT F . 9.46 -15.61 19.66
C4 CIT F . 9.50 -14.84 21.94
C5 CIT F . 10.97 -15.21 22.13
O3 CIT F . 11.29 -15.49 23.38
O4 CIT F . 11.79 -15.26 21.24
C6 CIT F . 7.40 -14.69 20.48
O5 CIT F . 6.82 -15.56 19.89
O6 CIT F . 6.80 -13.77 21.22
#